data_3GN2
#
_entry.id   3GN2
#
_cell.length_a   74.895
_cell.length_b   90.778
_cell.length_c   82.861
_cell.angle_alpha   90.00
_cell.angle_beta   115.85
_cell.angle_gamma   90.00
#
_symmetry.space_group_name_H-M   'P 1 21 1'
#
loop_
_entity.id
_entity.type
_entity.pdbx_description
1 polymer 'Pteridine reductase'
2 non-polymer 'NADP NICOTINAMIDE-ADENINE-DINUCLEOTIDE PHOSPHATE'
3 non-polymer 1-(3,4-dichlorobenzyl)-1H-benzimidazol-2-amine
4 non-polymer 'ACETATE ION'
5 water water
#
_entity_poly.entity_id   1
_entity_poly.type   'polypeptide(L)'
_entity_poly.pdbx_seq_one_letter_code
;MGSSHHHHHHSSGLVPRGSHMEAPAAVVTGAAKRIGRAIAVKLHQTGYRVVIHYHNSAEAAVSLADELNKERSNTAVVCQ
ADLTNSNVLPASCEEIINSCFRAFGRCDVLVNNASAFYPTPLVQGDHEDNSNGKTVETQVAELIGTNAIAPFLLTMSFAQ
RQKGTNPNCTSSNLSIVNLCDAMVDQPCMAFSLYNMGKHALVGLTQSAALELAPYGIRVNGVAPGVSLLPVAMGEEEKDK
WRRKVPLGRREASAEQIADAVIFLVSGSAQYITGSIIKVDGGLSLVHA
;
_entity_poly.pdbx_strand_id   A,B,C,D
#
loop_
_chem_comp.id
_chem_comp.type
_chem_comp.name
_chem_comp.formula
ACT non-polymer 'ACETATE ION' 'C2 H3 O2 -1'
AX8 non-polymer 1-(3,4-dichlorobenzyl)-1H-benzimidazol-2-amine 'C14 H11 Cl2 N3'
NAP non-polymer 'NADP NICOTINAMIDE-ADENINE-DINUCLEOTIDE PHOSPHATE' 'C21 H28 N7 O17 P3'
#
# COMPACT_ATOMS: atom_id res chain seq x y z
N GLU A 22 41.12 5.64 1.28
CA GLU A 22 40.52 6.89 0.72
C GLU A 22 39.07 7.04 1.15
N ALA A 23 38.69 8.29 1.43
CA ALA A 23 37.35 8.58 1.93
C ALA A 23 36.32 8.59 0.81
N PRO A 24 35.14 8.00 1.07
CA PRO A 24 34.11 8.04 0.05
C PRO A 24 33.56 9.46 -0.12
N ALA A 25 32.76 9.69 -1.15
CA ALA A 25 32.23 11.01 -1.44
C ALA A 25 30.73 10.96 -1.73
N ALA A 26 30.03 12.00 -1.32
CA ALA A 26 28.56 12.07 -1.48
C ALA A 26 28.13 13.39 -2.10
N VAL A 27 27.07 13.34 -2.92
CA VAL A 27 26.39 14.55 -3.38
C VAL A 27 25.09 14.65 -2.59
N VAL A 28 24.82 15.82 -2.00
CA VAL A 28 23.53 16.03 -1.35
C VAL A 28 22.90 17.24 -2.02
N THR A 29 21.71 17.07 -2.60
CA THR A 29 21.11 18.23 -3.29
C THR A 29 20.34 19.08 -2.27
N GLY A 30 20.27 20.38 -2.53
CA GLY A 30 19.59 21.28 -1.59
C GLY A 30 20.16 21.17 -0.19
N ALA A 31 21.49 21.22 -0.09
CA ALA A 31 22.18 20.90 1.16
C ALA A 31 22.58 22.12 2.00
N ALA A 32 22.15 23.32 1.62
CA ALA A 32 22.64 24.52 2.30
C ALA A 32 22.06 24.67 3.71
N LYS A 33 20.86 24.13 3.89
CA LYS A 33 20.15 24.33 5.15
CA LYS A 33 20.06 24.39 5.09
C LYS A 33 19.22 23.17 5.48
N ARG A 34 18.61 23.27 6.66
CA ARG A 34 17.53 22.38 7.07
C ARG A 34 17.93 20.90 6.93
N ILE A 35 17.04 20.06 6.38
CA ILE A 35 17.33 18.63 6.33
C ILE A 35 18.57 18.29 5.47
N GLY A 36 18.70 18.96 4.33
CA GLY A 36 19.84 18.71 3.43
C GLY A 36 21.16 18.96 4.15
N ARG A 37 21.25 20.07 4.88
CA ARG A 37 22.44 20.37 5.67
C ARG A 37 22.70 19.30 6.72
N ALA A 38 21.65 18.86 7.42
CA ALA A 38 21.82 17.84 8.45
C ALA A 38 22.39 16.54 7.86
N ILE A 39 21.91 16.21 6.66
CA ILE A 39 22.39 15.02 5.95
C ILE A 39 23.86 15.18 5.56
N ALA A 40 24.21 16.32 4.96
CA ALA A 40 25.61 16.61 4.61
C ALA A 40 26.54 16.56 5.82
N VAL A 41 26.10 17.19 6.91
CA VAL A 41 26.89 17.21 8.16
C VAL A 41 27.11 15.79 8.69
N LYS A 42 26.04 14.99 8.72
CA LYS A 42 26.15 13.64 9.27
C LYS A 42 27.01 12.73 8.39
N LEU A 43 26.85 12.84 7.06
CA LEU A 43 27.75 12.13 6.14
C LEU A 43 29.19 12.55 6.39
N HIS A 44 29.42 13.86 6.49
CA HIS A 44 30.77 14.36 6.72
C HIS A 44 31.35 13.81 8.04
N GLN A 45 30.52 13.76 9.08
CA GLN A 45 30.96 13.25 10.39
C GLN A 45 31.26 11.74 10.35
N THR A 46 30.62 11.05 9.40
CA THR A 46 30.79 9.62 9.19
C THR A 46 32.03 9.34 8.34
N GLY A 47 32.62 10.40 7.78
CA GLY A 47 33.86 10.28 7.05
C GLY A 47 33.76 10.55 5.56
N TYR A 48 32.60 10.99 5.09
CA TYR A 48 32.42 11.32 3.68
C TYR A 48 32.98 12.70 3.34
N ARG A 49 33.48 12.81 2.12
CA ARG A 49 33.68 14.11 1.48
C ARG A 49 32.34 14.42 0.80
N VAL A 50 31.95 15.70 0.80
CA VAL A 50 30.59 16.06 0.38
CA VAL A 50 30.58 16.06 0.40
C VAL A 50 30.54 17.19 -0.64
N VAL A 51 29.67 17.02 -1.64
CA VAL A 51 29.30 18.10 -2.53
C VAL A 51 27.99 18.69 -1.98
N ILE A 52 28.07 19.96 -1.56
CA ILE A 52 26.91 20.71 -1.09
CA ILE A 52 26.93 20.74 -1.08
C ILE A 52 26.26 21.41 -2.27
N HIS A 53 25.24 20.78 -2.85
CA HIS A 53 24.50 21.45 -3.92
C HIS A 53 23.51 22.48 -3.33
N TYR A 54 23.33 23.59 -4.04
CA TYR A 54 22.37 24.61 -3.60
C TYR A 54 21.85 25.32 -4.84
N HIS A 55 20.76 26.06 -4.68
CA HIS A 55 20.20 26.83 -5.78
C HIS A 55 20.38 28.32 -5.50
N ASN A 56 19.61 28.84 -4.55
CA ASN A 56 19.69 30.27 -4.18
C ASN A 56 20.49 30.58 -2.92
N SER A 57 20.63 29.59 -2.03
CA SER A 57 21.19 29.86 -0.70
C SER A 57 22.71 29.80 -0.68
N ALA A 58 23.33 30.70 -1.45
CA ALA A 58 24.78 30.70 -1.63
C ALA A 58 25.54 30.94 -0.33
N GLU A 59 25.11 31.94 0.44
CA GLU A 59 25.77 32.27 1.70
C GLU A 59 25.76 31.08 2.66
N ALA A 60 24.59 30.47 2.81
CA ALA A 60 24.42 29.32 3.68
C ALA A 60 25.27 28.13 3.23
N ALA A 61 25.34 27.92 1.91
CA ALA A 61 26.11 26.79 1.38
C ALA A 61 27.59 26.96 1.64
N VAL A 62 28.10 28.15 1.31
CA VAL A 62 29.50 28.50 1.55
C VAL A 62 29.84 28.44 3.04
N SER A 63 28.89 28.87 3.88
CA SER A 63 29.12 28.85 5.33
C SER A 63 29.26 27.42 5.85
N LEU A 64 28.43 26.51 5.30
CA LEU A 64 28.50 25.10 5.66
C LEU A 64 29.79 24.46 5.18
N ALA A 65 30.15 24.71 3.93
CA ALA A 65 31.40 24.18 3.37
C ALA A 65 32.61 24.62 4.20
N ASP A 66 32.60 25.89 4.62
CA ASP A 66 33.66 26.44 5.45
C ASP A 66 33.79 25.69 6.78
N GLU A 67 32.66 25.42 7.43
CA GLU A 67 32.65 24.68 8.69
C GLU A 67 33.24 23.30 8.51
N LEU A 68 32.83 22.62 7.44
CA LEU A 68 33.24 21.24 7.21
C LEU A 68 34.73 21.16 6.86
N ASN A 69 35.21 22.08 6.03
CA ASN A 69 36.63 22.14 5.67
C ASN A 69 37.52 22.54 6.86
N LYS A 70 36.97 23.33 7.78
CA LYS A 70 37.66 23.67 9.03
C LYS A 70 37.89 22.40 9.87
N GLU A 71 36.91 21.49 9.82
CA GLU A 71 36.99 20.22 10.52
C GLU A 71 38.01 19.27 9.86
N ARG A 72 37.93 19.15 8.53
CA ARG A 72 38.90 18.37 7.75
C ARG A 72 39.11 19.09 6.42
N SER A 73 40.34 19.52 6.16
CA SER A 73 40.67 20.28 4.95
CA SER A 73 40.67 20.28 4.96
C SER A 73 40.32 19.52 3.67
N ASN A 74 39.84 20.27 2.66
CA ASN A 74 39.55 19.73 1.33
C ASN A 74 38.54 18.56 1.30
N THR A 75 37.51 18.65 2.13
CA THR A 75 36.48 17.58 2.19
C THR A 75 35.07 18.06 1.86
N ALA A 76 34.91 19.33 1.48
CA ALA A 76 33.61 19.86 1.10
C ALA A 76 33.75 20.88 -0.01
N VAL A 77 32.87 20.79 -0.99
CA VAL A 77 32.73 21.82 -2.03
C VAL A 77 31.27 22.15 -2.23
N VAL A 78 31.00 23.36 -2.71
CA VAL A 78 29.63 23.72 -3.10
C VAL A 78 29.46 23.55 -4.62
N CYS A 79 28.21 23.39 -5.04
CA CYS A 79 27.87 23.25 -6.46
C CYS A 79 26.51 23.85 -6.70
N GLN A 80 26.44 24.95 -7.45
CA GLN A 80 25.18 25.63 -7.73
C GLN A 80 24.48 25.08 -8.96
N ALA A 81 23.17 24.86 -8.82
CA ALA A 81 22.35 24.47 -9.96
C ALA A 81 20.86 24.62 -9.68
N ASP A 82 20.16 25.11 -10.70
CA ASP A 82 18.70 25.10 -10.73
C ASP A 82 18.25 23.71 -11.22
N LEU A 83 17.38 23.08 -10.45
CA LEU A 83 16.89 21.75 -10.81
C LEU A 83 15.48 21.75 -11.41
N THR A 84 14.98 22.94 -11.76
CA THR A 84 13.74 23.09 -12.53
C THR A 84 13.88 22.32 -13.83
N ASN A 85 12.82 21.65 -14.29
CA ASN A 85 12.91 20.96 -15.57
C ASN A 85 13.09 21.93 -16.74
N SER A 86 13.95 21.55 -17.67
CA SER A 86 14.18 22.29 -18.91
C SER A 86 15.01 21.41 -19.83
N ASN A 87 15.21 21.83 -21.07
CA ASN A 87 16.01 21.01 -21.98
C ASN A 87 17.49 20.91 -21.61
N VAL A 88 17.94 21.75 -20.68
CA VAL A 88 19.33 21.68 -20.18
CA VAL A 88 19.33 21.70 -20.19
C VAL A 88 19.46 20.99 -18.84
N LEU A 89 18.33 20.61 -18.24
CA LEU A 89 18.41 19.93 -16.93
C LEU A 89 19.31 18.70 -16.95
N PRO A 90 19.23 17.85 -18.01
CA PRO A 90 20.16 16.71 -18.04
C PRO A 90 21.64 17.12 -17.95
N ALA A 91 22.03 18.16 -18.69
CA ALA A 91 23.40 18.69 -18.60
C ALA A 91 23.73 19.19 -17.19
N SER A 92 22.79 19.88 -16.55
CA SER A 92 23.00 20.39 -15.19
C SER A 92 23.18 19.24 -14.18
N CYS A 93 22.37 18.20 -14.31
CA CYS A 93 22.49 17.03 -13.45
C CYS A 93 23.80 16.28 -13.69
N GLU A 94 24.17 16.09 -14.96
CA GLU A 94 25.46 15.48 -15.30
C GLU A 94 26.61 16.26 -14.67
N GLU A 95 26.49 17.59 -14.68
CA GLU A 95 27.51 18.47 -14.11
C GLU A 95 27.60 18.39 -12.58
N ILE A 96 26.47 18.19 -11.90
CA ILE A 96 26.52 18.00 -10.45
C ILE A 96 27.33 16.74 -10.12
N ILE A 97 27.06 15.65 -10.82
CA ILE A 97 27.85 14.42 -10.63
C ILE A 97 29.32 14.63 -11.02
N ASN A 98 29.55 15.33 -12.13
CA ASN A 98 30.92 15.67 -12.56
C ASN A 98 31.68 16.43 -11.50
N SER A 99 30.97 17.33 -10.81
CA SER A 99 31.58 18.17 -9.77
CA SER A 99 31.58 18.16 -9.78
C SER A 99 32.12 17.32 -8.62
N CYS A 100 31.42 16.23 -8.31
CA CYS A 100 31.89 15.31 -7.28
C CYS A 100 33.16 14.59 -7.70
N PHE A 101 33.19 14.08 -8.94
CA PHE A 101 34.41 13.46 -9.46
C PHE A 101 35.56 14.46 -9.59
N ARG A 102 35.26 15.68 -10.03
CA ARG A 102 36.29 16.72 -10.15
C ARG A 102 36.96 17.00 -8.79
N ALA A 103 36.14 17.08 -7.74
CA ALA A 103 36.64 17.43 -6.42
C ALA A 103 37.33 16.26 -5.73
N PHE A 104 36.72 15.08 -5.83
CA PHE A 104 37.05 13.96 -4.94
C PHE A 104 37.44 12.66 -5.66
N GLY A 105 37.30 12.66 -6.98
CA GLY A 105 37.70 11.52 -7.81
C GLY A 105 36.81 10.28 -7.74
N ARG A 106 35.65 10.43 -7.13
CA ARG A 106 34.70 9.32 -6.94
C ARG A 106 33.37 9.91 -6.50
N CYS A 107 32.30 9.12 -6.62
CA CYS A 107 30.99 9.51 -6.12
C CYS A 107 30.28 8.25 -5.70
N ASP A 108 30.18 8.06 -4.38
CA ASP A 108 29.66 6.81 -3.80
C ASP A 108 28.18 6.86 -3.44
N VAL A 109 27.72 8.07 -3.11
CA VAL A 109 26.37 8.28 -2.57
C VAL A 109 25.77 9.51 -3.20
N LEU A 110 24.48 9.42 -3.56
CA LEU A 110 23.70 10.56 -4.05
C LEU A 110 22.46 10.66 -3.16
N VAL A 111 22.22 11.84 -2.58
CA VAL A 111 21.02 12.06 -1.81
C VAL A 111 20.15 13.10 -2.52
N ASN A 112 18.98 12.67 -3.00
CA ASN A 112 18.06 13.58 -3.67
C ASN A 112 17.15 14.22 -2.65
N ASN A 113 17.55 15.42 -2.20
CA ASN A 113 16.87 16.16 -1.14
C ASN A 113 16.17 17.46 -1.60
N ALA A 114 16.72 18.11 -2.63
CA ALA A 114 16.20 19.41 -3.06
C ALA A 114 14.74 19.27 -3.49
N SER A 115 13.95 20.30 -3.21
CA SER A 115 12.52 20.19 -3.47
C SER A 115 11.86 21.56 -3.50
N ALA A 116 11.16 21.82 -4.60
CA ALA A 116 10.21 22.93 -4.65
C ALA A 116 8.90 22.48 -4.01
N PHE A 117 8.24 23.42 -3.33
CA PHE A 117 7.10 23.08 -2.50
C PHE A 117 6.20 24.31 -2.37
N TYR A 118 5.04 24.25 -3.01
CA TYR A 118 4.02 25.30 -2.90
C TYR A 118 2.71 24.76 -3.48
N PRO A 119 1.57 25.36 -3.10
CA PRO A 119 0.31 24.88 -3.63
C PRO A 119 0.02 25.22 -5.08
N THR A 120 -0.74 24.34 -5.72
CA THR A 120 -1.21 24.48 -7.09
C THR A 120 -2.68 24.07 -7.11
N PRO A 121 -3.58 24.98 -6.69
CA PRO A 121 -5.02 24.64 -6.64
C PRO A 121 -5.58 24.22 -8.00
N LEU A 122 -6.47 23.24 -7.98
CA LEU A 122 -7.11 22.76 -9.21
C LEU A 122 -8.17 23.72 -9.71
N VAL A 123 -8.79 24.46 -8.80
CA VAL A 123 -9.81 25.46 -9.16
C VAL A 123 -9.41 26.86 -8.68
N GLY A 133 2.40 34.41 -9.32
CA GLY A 133 2.34 34.90 -10.70
C GLY A 133 2.97 33.95 -11.70
N LYS A 134 3.30 32.74 -11.24
CA LYS A 134 3.91 31.72 -12.10
C LYS A 134 2.86 31.12 -13.00
N THR A 135 3.24 30.82 -14.25
CA THR A 135 2.39 30.05 -15.16
C THR A 135 2.29 28.61 -14.65
N VAL A 136 1.22 27.91 -15.03
CA VAL A 136 1.10 26.49 -14.65
C VAL A 136 2.27 25.67 -15.19
N GLU A 137 2.75 25.98 -16.39
CA GLU A 137 3.88 25.24 -16.95
C GLU A 137 5.19 25.46 -16.18
N THR A 138 5.37 26.66 -15.65
CA THR A 138 6.50 26.90 -14.74
C THR A 138 6.34 26.07 -13.47
N GLN A 139 5.11 26.03 -12.94
CA GLN A 139 4.83 25.20 -11.75
C GLN A 139 5.12 23.72 -12.00
N VAL A 140 4.70 23.24 -13.14
CA VAL A 140 5.03 21.85 -13.51
C VAL A 140 6.56 21.66 -13.57
N ALA A 141 7.25 22.57 -14.26
CA ALA A 141 8.70 22.44 -14.42
C ALA A 141 9.41 22.43 -13.08
N GLU A 142 8.99 23.31 -12.17
CA GLU A 142 9.61 23.44 -10.85
C GLU A 142 9.25 22.29 -9.91
N LEU A 143 7.96 22.02 -9.77
CA LEU A 143 7.52 21.00 -8.82
C LEU A 143 7.85 19.58 -9.27
N ILE A 144 7.58 19.28 -10.53
CA ILE A 144 7.91 17.94 -11.06
C ILE A 144 9.40 17.81 -11.37
N GLY A 145 10.03 18.91 -11.85
CA GLY A 145 11.48 18.90 -12.10
C GLY A 145 12.28 18.59 -10.85
N THR A 146 12.07 19.39 -9.80
CA THR A 146 12.88 19.21 -8.58
C THR A 146 12.61 17.88 -7.87
N ASN A 147 11.33 17.51 -7.76
CA ASN A 147 10.95 16.35 -6.95
C ASN A 147 11.08 15.01 -7.66
N ALA A 148 11.15 15.03 -8.99
CA ALA A 148 11.11 13.79 -9.76
C ALA A 148 12.08 13.72 -10.94
N ILE A 149 12.05 14.72 -11.83
CA ILE A 149 12.86 14.61 -13.04
C ILE A 149 14.34 14.78 -12.72
N ALA A 150 14.68 15.77 -11.89
CA ALA A 150 16.09 15.92 -11.50
C ALA A 150 16.62 14.66 -10.78
N PRO A 151 15.89 14.14 -9.76
CA PRO A 151 16.32 12.86 -9.19
C PRO A 151 16.55 11.76 -10.24
N PHE A 152 15.67 11.67 -11.23
CA PHE A 152 15.83 10.71 -12.32
C PHE A 152 17.12 10.94 -13.14
N LEU A 153 17.37 12.18 -13.54
CA LEU A 153 18.56 12.49 -14.34
C LEU A 153 19.86 12.33 -13.54
N LEU A 154 19.82 12.74 -12.28
CA LEU A 154 20.96 12.57 -11.37
C LEU A 154 21.26 11.08 -11.18
N THR A 155 20.21 10.27 -11.08
CA THR A 155 20.33 8.82 -10.96
C THR A 155 21.02 8.26 -12.22
N MET A 156 20.57 8.72 -13.39
CA MET A 156 21.17 8.31 -14.66
C MET A 156 22.67 8.63 -14.66
N SER A 157 23.00 9.89 -14.34
CA SER A 157 24.37 10.36 -14.39
C SER A 157 25.23 9.66 -13.35
N PHE A 158 24.68 9.45 -12.16
CA PHE A 158 25.38 8.74 -11.09
C PHE A 158 25.74 7.33 -11.55
N ALA A 159 24.76 6.64 -12.13
CA ALA A 159 24.96 5.27 -12.59
C ALA A 159 25.94 5.20 -13.76
N GLN A 160 25.78 6.11 -14.71
CA GLN A 160 26.62 6.12 -15.93
C GLN A 160 28.09 6.22 -15.58
N ARG A 161 28.38 6.98 -14.53
CA ARG A 161 29.76 7.22 -14.09
C ARG A 161 30.43 6.06 -13.38
N GLN A 162 29.67 5.09 -12.90
CA GLN A 162 30.25 4.04 -12.05
C GLN A 162 31.03 2.96 -12.82
N SER A 172 33.32 -1.43 -2.54
CA SER A 172 32.51 -0.21 -2.67
C SER A 172 31.12 -0.41 -2.09
N ASN A 173 30.52 0.70 -1.66
CA ASN A 173 29.17 0.67 -1.10
C ASN A 173 28.37 1.80 -1.72
N LEU A 174 27.89 1.58 -2.93
CA LEU A 174 27.23 2.64 -3.70
C LEU A 174 25.74 2.66 -3.42
N SER A 175 25.19 3.85 -3.14
CA SER A 175 23.74 3.95 -2.98
C SER A 175 23.19 5.33 -3.24
N ILE A 176 21.88 5.34 -3.46
CA ILE A 176 21.12 6.55 -3.65
C ILE A 176 20.03 6.59 -2.59
N VAL A 177 19.83 7.77 -2.00
CA VAL A 177 18.71 7.96 -1.05
C VAL A 177 17.85 9.14 -1.51
N ASN A 178 16.55 8.89 -1.65
CA ASN A 178 15.58 9.88 -2.12
C ASN A 178 14.70 10.33 -0.95
N LEU A 179 14.55 11.64 -0.78
CA LEU A 179 13.69 12.17 0.27
C LEU A 179 12.25 12.19 -0.22
N CYS A 180 11.48 11.26 0.31
CA CYS A 180 10.11 10.99 -0.08
C CYS A 180 9.17 11.71 0.88
N ASP A 181 7.93 11.26 0.98
CA ASP A 181 6.94 11.94 1.80
C ASP A 181 6.09 10.83 2.41
N ALA A 182 6.12 10.74 3.74
CA ALA A 182 5.34 9.73 4.47
C ALA A 182 3.84 9.89 4.22
N MET A 183 3.42 11.11 3.91
CA MET A 183 2.01 11.46 3.70
C MET A 183 1.59 11.44 2.23
N VAL A 184 2.38 10.80 1.38
CA VAL A 184 2.14 10.84 -0.07
C VAL A 184 0.77 10.27 -0.48
N ASP A 185 0.21 9.38 0.35
CA ASP A 185 -1.12 8.81 0.07
C ASP A 185 -2.26 9.41 0.91
N GLN A 186 -1.93 10.47 1.67
CA GLN A 186 -2.93 11.26 2.39
C GLN A 186 -2.67 12.72 2.06
N PRO A 187 -2.96 13.11 0.80
CA PRO A 187 -2.49 14.38 0.25
C PRO A 187 -3.10 15.61 0.93
N CYS A 188 -2.34 16.71 0.96
CA CYS A 188 -2.88 17.98 1.40
C CYS A 188 -3.65 18.65 0.28
N MET A 189 -4.80 19.23 0.65
CA MET A 189 -5.61 19.93 -0.33
C MET A 189 -4.80 21.05 -1.00
N ALA A 190 -4.96 21.15 -2.31
CA ALA A 190 -4.32 22.18 -3.15
C ALA A 190 -2.85 21.92 -3.50
N PHE A 191 -2.33 20.73 -3.19
CA PHE A 191 -0.92 20.42 -3.48
C PHE A 191 -0.75 19.30 -4.53
N SER A 192 -1.65 19.23 -5.50
CA SER A 192 -1.63 18.11 -6.45
CA SER A 192 -1.64 18.16 -6.51
C SER A 192 -0.27 17.96 -7.17
N LEU A 193 0.30 19.04 -7.70
CA LEU A 193 1.59 18.86 -8.42
C LEU A 193 2.73 18.42 -7.53
N TYR A 194 2.85 19.01 -6.34
CA TYR A 194 3.84 18.54 -5.39
C TYR A 194 3.62 17.05 -5.09
N ASN A 195 2.36 16.69 -4.82
CA ASN A 195 2.04 15.29 -4.50
C ASN A 195 2.38 14.35 -5.66
N MET A 196 2.06 14.80 -6.88
CA MET A 196 2.42 14.00 -8.07
C MET A 196 3.93 13.82 -8.18
N GLY A 197 4.68 14.87 -7.88
CA GLY A 197 6.15 14.81 -7.90
C GLY A 197 6.67 13.79 -6.90
N LYS A 198 6.15 13.83 -5.68
CA LYS A 198 6.58 12.88 -4.65
C LYS A 198 6.14 11.44 -4.93
N HIS A 199 4.97 11.26 -5.56
CA HIS A 199 4.55 9.93 -6.00
C HIS A 199 5.48 9.39 -7.09
N ALA A 200 5.79 10.26 -8.05
CA ALA A 200 6.73 9.91 -9.11
C ALA A 200 8.06 9.47 -8.50
N LEU A 201 8.46 10.16 -7.42
CA LEU A 201 9.73 9.80 -6.74
C LEU A 201 9.70 8.40 -6.11
N VAL A 202 8.54 7.98 -5.58
CA VAL A 202 8.37 6.59 -5.14
C VAL A 202 8.62 5.65 -6.31
N GLY A 203 8.01 5.94 -7.46
CA GLY A 203 8.22 5.10 -8.66
C GLY A 203 9.68 5.04 -9.07
N LEU A 204 10.37 6.18 -9.05
CA LEU A 204 11.79 6.18 -9.42
C LEU A 204 12.60 5.34 -8.45
N THR A 205 12.32 5.49 -7.15
CA THR A 205 13.05 4.77 -6.13
C THR A 205 12.96 3.26 -6.39
N GLN A 206 11.75 2.79 -6.69
CA GLN A 206 11.53 1.37 -6.89
C GLN A 206 12.08 0.88 -8.24
N SER A 207 11.82 1.64 -9.31
CA SER A 207 12.33 1.27 -10.65
C SER A 207 13.85 1.22 -10.68
N ALA A 208 14.48 2.25 -10.11
CA ALA A 208 15.95 2.34 -10.10
C ALA A 208 16.57 1.28 -9.19
N ALA A 209 15.90 0.95 -8.08
CA ALA A 209 16.39 -0.12 -7.19
C ALA A 209 16.52 -1.42 -8.02
N LEU A 210 15.49 -1.72 -8.77
CA LEU A 210 15.51 -2.94 -9.59
CA LEU A 210 15.47 -2.92 -9.62
C LEU A 210 16.52 -2.85 -10.72
N GLU A 211 16.53 -1.73 -11.43
CA GLU A 211 17.37 -1.59 -12.63
C GLU A 211 18.87 -1.46 -12.32
N LEU A 212 19.20 -0.91 -11.14
CA LEU A 212 20.60 -0.68 -10.77
C LEU A 212 21.15 -1.77 -9.84
N ALA A 213 20.29 -2.66 -9.36
CA ALA A 213 20.75 -3.79 -8.54
C ALA A 213 21.91 -4.57 -9.17
N PRO A 214 21.86 -4.86 -10.51
CA PRO A 214 23.01 -5.58 -11.11
C PRO A 214 24.36 -4.88 -10.97
N TYR A 215 24.35 -3.56 -10.80
CA TYR A 215 25.59 -2.77 -10.64
C TYR A 215 25.95 -2.58 -9.16
N GLY A 216 25.16 -3.18 -8.27
CA GLY A 216 25.40 -3.04 -6.82
C GLY A 216 25.07 -1.67 -6.25
N ILE A 217 24.27 -0.89 -6.97
CA ILE A 217 23.81 0.41 -6.48
C ILE A 217 22.45 0.20 -5.85
N ARG A 218 22.39 0.41 -4.53
CA ARG A 218 21.12 0.34 -3.81
C ARG A 218 20.40 1.67 -3.95
N VAL A 219 19.07 1.63 -3.95
CA VAL A 219 18.28 2.86 -4.08
C VAL A 219 17.14 2.79 -3.07
N ASN A 220 17.13 3.72 -2.12
CA ASN A 220 16.18 3.68 -1.03
C ASN A 220 15.60 5.07 -0.80
N GLY A 221 14.57 5.15 0.03
CA GLY A 221 13.96 6.41 0.39
C GLY A 221 13.87 6.63 1.89
N VAL A 222 13.85 7.89 2.29
CA VAL A 222 13.52 8.29 3.65
C VAL A 222 12.33 9.21 3.53
N ALA A 223 11.28 8.94 4.30
CA ALA A 223 10.00 9.63 4.14
C ALA A 223 9.61 10.34 5.44
N PRO A 224 9.91 11.65 5.54
CA PRO A 224 9.44 12.41 6.70
C PRO A 224 7.93 12.58 6.66
N GLY A 225 7.34 12.85 7.82
CA GLY A 225 5.93 13.18 7.90
C GLY A 225 5.88 14.68 8.11
N VAL A 226 6.15 15.09 9.34
CA VAL A 226 6.45 16.49 9.58
C VAL A 226 7.79 16.58 10.30
N SER A 227 8.69 17.34 9.69
CA SER A 227 9.97 17.68 10.29
C SER A 227 10.02 19.20 10.37
N LEU A 228 11.15 19.82 10.03
CA LEU A 228 11.29 21.28 10.15
C LEU A 228 10.17 21.93 9.36
N LEU A 229 9.42 22.79 10.05
CA LEU A 229 8.31 23.47 9.41
C LEU A 229 8.81 24.64 8.58
N PRO A 230 7.97 25.12 7.62
CA PRO A 230 8.41 26.25 6.79
C PRO A 230 8.87 27.44 7.60
N VAL A 231 9.93 28.10 7.13
CA VAL A 231 10.48 29.29 7.80
C VAL A 231 9.41 30.37 8.03
N ALA A 232 8.53 30.55 7.06
CA ALA A 232 7.51 31.59 7.12
C ALA A 232 6.29 31.26 8.00
N MET A 233 6.20 30.02 8.47
CA MET A 233 5.05 29.60 9.28
C MET A 233 5.13 30.15 10.70
N GLY A 234 4.04 30.70 11.19
CA GLY A 234 3.96 31.23 12.55
C GLY A 234 3.91 30.12 13.58
N GLU A 235 4.30 30.44 14.82
CA GLU A 235 4.36 29.43 15.88
C GLU A 235 3.00 28.77 16.13
N GLU A 236 1.93 29.56 16.13
CA GLU A 236 0.61 29.00 16.41
C GLU A 236 0.27 27.91 15.41
N GLU A 237 0.52 28.17 14.12
CA GLU A 237 0.25 27.16 13.11
C GLU A 237 1.22 25.96 13.18
N LYS A 238 2.50 26.23 13.48
CA LYS A 238 3.44 25.15 13.73
C LYS A 238 2.92 24.20 14.81
N ASP A 239 2.41 24.76 15.90
CA ASP A 239 1.87 23.94 16.99
C ASP A 239 0.66 23.10 16.57
N LYS A 240 -0.16 23.65 15.66
CA LYS A 240 -1.33 22.93 15.15
C LYS A 240 -0.88 21.63 14.49
N TRP A 241 0.18 21.72 13.70
CA TRP A 241 0.69 20.57 12.97
C TRP A 241 1.48 19.60 13.86
N ARG A 242 2.28 20.16 14.77
CA ARG A 242 3.01 19.37 15.77
C ARG A 242 2.10 18.46 16.59
N ARG A 243 0.96 18.99 16.98
CA ARG A 243 0.05 18.29 17.89
C ARG A 243 -0.57 17.04 17.26
N LYS A 244 -0.41 16.89 15.93
CA LYS A 244 -0.96 15.72 15.21
C LYS A 244 -0.07 14.49 15.31
N VAL A 245 1.17 14.68 15.73
CA VAL A 245 2.16 13.58 15.73
C VAL A 245 2.02 12.74 17.00
N PRO A 246 1.64 11.47 16.86
CA PRO A 246 1.45 10.61 18.05
C PRO A 246 2.70 10.50 18.95
N LEU A 247 3.87 10.33 18.34
CA LEU A 247 5.08 10.14 19.14
C LEU A 247 5.69 11.49 19.57
N GLY A 248 5.22 12.00 20.70
CA GLY A 248 5.79 13.21 21.30
C GLY A 248 5.18 14.53 20.89
N ARG A 249 4.20 14.53 19.96
CA ARG A 249 3.53 15.78 19.57
C ARG A 249 4.53 16.83 19.13
N ARG A 250 5.52 16.39 18.38
CA ARG A 250 6.58 17.25 17.90
C ARG A 250 7.03 16.76 16.53
N GLU A 251 7.61 17.67 15.75
CA GLU A 251 8.17 17.35 14.46
C GLU A 251 9.53 16.68 14.62
N ALA A 252 9.92 15.92 13.60
CA ALA A 252 11.27 15.32 13.53
C ALA A 252 12.32 16.42 13.46
N SER A 253 13.38 16.25 14.23
CA SER A 253 14.53 17.15 14.08
C SER A 253 15.19 16.81 12.75
N ALA A 254 15.97 17.75 12.21
CA ALA A 254 16.68 17.46 10.98
C ALA A 254 17.63 16.27 11.17
N GLU A 255 18.24 16.20 12.37
CA GLU A 255 19.15 15.10 12.70
C GLU A 255 18.44 13.75 12.64
N GLN A 256 17.18 13.70 13.10
CA GLN A 256 16.43 12.44 13.07
C GLN A 256 16.20 11.94 11.65
N ILE A 257 15.94 12.85 10.72
CA ILE A 257 15.79 12.46 9.31
C ILE A 257 17.14 11.97 8.76
N ALA A 258 18.20 12.73 9.06
CA ALA A 258 19.57 12.38 8.62
C ALA A 258 20.00 11.02 9.14
N ASP A 259 19.61 10.68 10.37
CA ASP A 259 19.95 9.38 10.96
C ASP A 259 19.50 8.20 10.08
N ALA A 260 18.32 8.32 9.45
CA ALA A 260 17.80 7.24 8.63
C ALA A 260 18.55 7.17 7.30
N VAL A 261 18.89 8.34 6.78
CA VAL A 261 19.73 8.41 5.59
C VAL A 261 21.07 7.72 5.85
N ILE A 262 21.72 8.06 6.96
CA ILE A 262 23.02 7.47 7.32
C ILE A 262 22.92 5.94 7.47
N PHE A 263 21.83 5.46 8.08
CA PHE A 263 21.59 4.01 8.14
C PHE A 263 21.55 3.39 6.74
N LEU A 264 20.74 3.96 5.85
CA LEU A 264 20.58 3.38 4.51
C LEU A 264 21.86 3.36 3.69
N VAL A 265 22.73 4.34 3.89
CA VAL A 265 23.99 4.39 3.13
C VAL A 265 25.06 3.45 3.71
N SER A 266 24.86 3.06 4.98
CA SER A 266 25.85 2.28 5.75
C SER A 266 25.88 0.78 5.38
N GLY A 267 26.95 0.09 5.84
CA GLY A 267 27.06 -1.38 5.67
C GLY A 267 25.97 -2.15 6.39
N SER A 268 25.31 -1.50 7.35
CA SER A 268 24.22 -2.13 8.10
C SER A 268 22.95 -2.27 7.28
N ALA A 269 22.96 -1.66 6.09
CA ALA A 269 21.81 -1.72 5.18
C ALA A 269 22.20 -2.34 3.82
N GLN A 270 23.27 -3.14 3.78
CA GLN A 270 23.80 -3.67 2.52
C GLN A 270 22.85 -4.60 1.74
N TYR A 271 21.81 -5.12 2.38
CA TYR A 271 20.83 -5.96 1.68
C TYR A 271 19.53 -5.20 1.40
N ILE A 272 19.47 -3.95 1.83
CA ILE A 272 18.27 -3.15 1.67
C ILE A 272 18.33 -2.34 0.38
N THR A 273 17.35 -2.61 -0.49
CA THR A 273 17.17 -1.77 -1.67
C THR A 273 15.69 -1.71 -2.04
N GLY A 274 15.26 -0.56 -2.54
CA GLY A 274 13.85 -0.36 -2.88
C GLY A 274 12.97 -0.13 -1.67
N SER A 275 13.57 0.11 -0.52
CA SER A 275 12.80 0.37 0.70
C SER A 275 12.66 1.86 0.98
N ILE A 276 11.47 2.24 1.42
CA ILE A 276 11.22 3.61 1.84
C ILE A 276 10.87 3.62 3.32
N ILE A 277 11.76 4.18 4.13
CA ILE A 277 11.60 4.17 5.57
C ILE A 277 10.86 5.44 6.01
N LYS A 278 9.65 5.28 6.58
CA LYS A 278 8.97 6.44 7.18
C LYS A 278 9.70 6.83 8.46
N VAL A 279 9.94 8.14 8.60
CA VAL A 279 10.49 8.69 9.84
C VAL A 279 9.49 9.77 10.25
N ASP A 280 8.35 9.32 10.79
CA ASP A 280 7.19 10.21 10.91
C ASP A 280 6.49 10.21 12.27
N GLY A 281 7.05 9.51 13.26
CA GLY A 281 6.44 9.52 14.60
C GLY A 281 5.02 8.98 14.63
N GLY A 282 4.70 8.18 13.60
CA GLY A 282 3.39 7.55 13.44
C GLY A 282 2.36 8.41 12.73
N LEU A 283 2.76 9.61 12.27
CA LEU A 283 1.81 10.55 11.66
C LEU A 283 0.95 9.94 10.54
N SER A 284 1.57 9.16 9.66
CA SER A 284 0.85 8.57 8.51
C SER A 284 -0.23 7.56 8.91
N LEU A 285 -0.19 7.10 10.16
CA LEU A 285 -1.16 6.13 10.66
C LEU A 285 -2.40 6.79 11.27
N VAL A 286 -2.35 8.12 11.40
CA VAL A 286 -3.43 8.83 12.10
C VAL A 286 -4.59 9.14 11.16
N HIS A 287 -5.78 8.64 11.51
CA HIS A 287 -6.97 8.92 10.71
C HIS A 287 -7.48 10.35 10.88
N ALA A 288 -8.44 10.73 10.03
CA ALA A 288 -9.07 12.05 10.09
C ALA A 288 -9.66 12.40 11.45
N GLU B 22 23.33 1.39 33.82
CA GLU B 22 22.83 -0.02 33.84
C GLU B 22 22.39 -0.46 32.45
N ALA B 23 22.63 -1.73 32.12
CA ALA B 23 22.39 -2.25 30.78
C ALA B 23 20.91 -2.50 30.52
N PRO B 24 20.43 -2.13 29.32
CA PRO B 24 19.01 -2.40 28.99
C PRO B 24 18.82 -3.90 28.75
N ALA B 25 17.57 -4.33 28.67
CA ALA B 25 17.27 -5.75 28.50
C ALA B 25 16.27 -5.96 27.38
N ALA B 26 16.43 -7.07 26.65
CA ALA B 26 15.53 -7.40 25.54
C ALA B 26 15.01 -8.82 25.65
N VAL B 27 13.77 -9.01 25.23
CA VAL B 27 13.19 -10.34 25.03
C VAL B 27 13.19 -10.60 23.53
N VAL B 28 13.71 -11.75 23.12
CA VAL B 28 13.63 -12.16 21.71
C VAL B 28 12.94 -13.53 21.65
N THR B 29 11.81 -13.60 20.95
CA THR B 29 11.13 -14.90 20.91
C THR B 29 11.71 -15.74 19.78
N GLY B 30 11.68 -17.06 19.95
CA GLY B 30 12.24 -17.98 18.98
C GLY B 30 13.69 -17.69 18.70
N ALA B 31 14.46 -17.51 19.78
CA ALA B 31 15.83 -16.98 19.69
C ALA B 31 16.94 -18.04 19.65
N ALA B 32 16.58 -19.31 19.72
CA ALA B 32 17.62 -20.37 19.76
C ALA B 32 18.40 -20.52 18.44
N LYS B 33 17.75 -20.24 17.32
CA LYS B 33 18.30 -20.57 16.01
C LYS B 33 18.02 -19.47 14.99
N ARG B 34 18.81 -19.51 13.91
CA ARG B 34 18.48 -18.76 12.69
C ARG B 34 18.36 -17.26 12.97
N ILE B 35 17.31 -16.61 12.47
CA ILE B 35 17.22 -15.15 12.58
C ILE B 35 17.13 -14.68 14.04
N GLY B 36 16.28 -15.33 14.84
CA GLY B 36 16.17 -14.98 16.27
C GLY B 36 17.51 -15.03 17.00
N ARG B 37 18.30 -16.07 16.72
CA ARG B 37 19.62 -16.21 17.32
C ARG B 37 20.51 -15.03 16.94
N ALA B 38 20.53 -14.68 15.65
CA ALA B 38 21.36 -13.56 15.19
C ALA B 38 20.96 -12.23 15.84
N ILE B 39 19.65 -12.04 16.01
CA ILE B 39 19.12 -10.85 16.67
C ILE B 39 19.58 -10.81 18.12
N ALA B 40 19.42 -11.94 18.83
CA ALA B 40 19.86 -12.00 20.22
C ALA B 40 21.36 -11.72 20.37
N VAL B 41 22.17 -12.32 19.49
CA VAL B 41 23.61 -12.09 19.46
C VAL B 41 23.94 -10.60 19.24
N LYS B 42 23.33 -9.97 18.22
CA LYS B 42 23.64 -8.56 17.94
C LYS B 42 23.15 -7.66 19.06
N LEU B 43 21.98 -7.95 19.62
CA LEU B 43 21.52 -7.19 20.76
C LEU B 43 22.53 -7.28 21.92
N HIS B 44 22.97 -8.49 22.23
CA HIS B 44 23.98 -8.68 23.26
C HIS B 44 25.27 -7.91 22.96
N GLN B 45 25.70 -7.94 21.70
CA GLN B 45 26.93 -7.26 21.30
C GLN B 45 26.80 -5.75 21.45
N THR B 46 25.56 -5.26 21.35
CA THR B 46 25.24 -3.84 21.47
C THR B 46 25.16 -3.41 22.94
N GLY B 47 25.13 -4.39 23.84
CA GLY B 47 25.11 -4.11 25.26
C GLY B 47 23.86 -4.52 26.00
N TYR B 48 22.92 -5.18 25.31
CA TYR B 48 21.70 -5.63 25.97
C TYR B 48 21.94 -6.93 26.74
N ARG B 49 21.20 -7.06 27.83
CA ARG B 49 20.98 -8.36 28.45
C ARG B 49 19.79 -8.97 27.74
N VAL B 50 19.78 -10.28 27.56
CA VAL B 50 18.74 -10.92 26.73
CA VAL B 50 18.77 -10.94 26.70
C VAL B 50 18.03 -12.10 27.37
N VAL B 51 16.72 -12.14 27.14
CA VAL B 51 15.91 -13.32 27.42
C VAL B 51 15.75 -14.06 26.08
N ILE B 52 16.31 -15.27 26.05
CA ILE B 52 16.27 -16.13 24.88
C ILE B 52 15.06 -17.05 25.01
N HIS B 53 13.97 -16.70 24.34
CA HIS B 53 12.81 -17.56 24.39
C HIS B 53 12.97 -18.68 23.35
N TYR B 54 12.45 -19.85 23.70
CA TYR B 54 12.46 -20.99 22.76
C TYR B 54 11.23 -21.86 23.04
N HIS B 55 10.95 -22.76 22.11
CA HIS B 55 9.85 -23.70 22.26
C HIS B 55 10.43 -25.10 22.37
N ASN B 56 10.93 -25.61 21.25
CA ASN B 56 11.48 -26.97 21.21
C ASN B 56 13.00 -27.04 21.27
N SER B 57 13.70 -25.96 20.93
CA SER B 57 15.16 -26.01 20.77
C SER B 57 15.90 -25.66 22.06
N ALA B 58 15.69 -26.47 23.10
CA ALA B 58 16.33 -26.26 24.40
C ALA B 58 17.86 -26.25 24.34
N GLU B 59 18.44 -27.26 23.70
CA GLU B 59 19.90 -27.39 23.65
C GLU B 59 20.53 -26.15 23.00
N ALA B 60 19.96 -25.72 21.88
CA ALA B 60 20.49 -24.55 21.18
C ALA B 60 20.29 -23.27 21.97
N ALA B 61 19.15 -23.15 22.66
CA ALA B 61 18.89 -21.97 23.51
C ALA B 61 19.92 -21.86 24.62
N VAL B 62 20.15 -22.99 25.30
CA VAL B 62 21.10 -23.07 26.39
C VAL B 62 22.54 -22.84 25.91
N SER B 63 22.88 -23.37 24.73
CA SER B 63 24.23 -23.16 24.21
CA SER B 63 24.23 -23.16 24.17
C SER B 63 24.46 -21.68 23.89
N LEU B 64 23.42 -21.01 23.37
CA LEU B 64 23.50 -19.57 23.15
C LEU B 64 23.68 -18.81 24.46
N ALA B 65 22.83 -19.13 25.45
CA ALA B 65 22.92 -18.48 26.76
C ALA B 65 24.32 -18.65 27.33
N ASP B 66 24.85 -19.87 27.27
CA ASP B 66 26.19 -20.15 27.80
C ASP B 66 27.26 -19.32 27.06
N GLU B 67 27.14 -19.21 25.75
CA GLU B 67 28.05 -18.40 24.94
C GLU B 67 28.02 -16.93 25.37
N LEU B 68 26.82 -16.38 25.49
CA LEU B 68 26.66 -14.97 25.85
C LEU B 68 27.14 -14.71 27.28
N ASN B 69 26.85 -15.63 28.19
CA ASN B 69 27.28 -15.47 29.58
C ASN B 69 28.80 -15.60 29.77
N LYS B 70 29.44 -16.37 28.88
CA LYS B 70 30.90 -16.45 28.84
C LYS B 70 31.47 -15.08 28.44
N GLU B 71 30.81 -14.42 27.48
CA GLU B 71 31.18 -13.07 27.10
C GLU B 71 31.01 -12.05 28.24
N ARG B 72 29.83 -12.02 28.87
CA ARG B 72 29.59 -11.15 30.05
C ARG B 72 28.70 -11.92 31.01
N SER B 73 29.17 -12.15 32.22
CA SER B 73 28.42 -12.89 33.24
C SER B 73 27.03 -12.30 33.50
N ASN B 74 26.05 -13.19 33.68
CA ASN B 74 24.69 -12.81 34.08
C ASN B 74 23.99 -11.86 33.11
N THR B 75 24.17 -12.10 31.81
CA THR B 75 23.57 -11.25 30.80
C THR B 75 22.62 -11.97 29.88
N ALA B 76 22.41 -13.27 30.10
CA ALA B 76 21.50 -14.03 29.25
C ALA B 76 20.79 -15.09 30.06
N VAL B 77 19.49 -15.23 29.81
CA VAL B 77 18.69 -16.30 30.41
C VAL B 77 17.81 -16.88 29.31
N VAL B 78 17.26 -18.07 29.55
CA VAL B 78 16.32 -18.69 28.61
C VAL B 78 14.92 -18.78 29.24
N CYS B 79 13.90 -18.83 28.38
CA CYS B 79 12.51 -18.93 28.81
C CYS B 79 11.79 -19.85 27.82
N GLN B 80 11.30 -21.00 28.28
CA GLN B 80 10.57 -21.91 27.39
C GLN B 80 9.08 -21.59 27.35
N ALA B 81 8.49 -21.56 26.16
CA ALA B 81 7.04 -21.45 26.04
C ALA B 81 6.54 -21.83 24.64
N ASP B 82 5.41 -22.53 24.61
CA ASP B 82 4.64 -22.71 23.39
C ASP B 82 3.82 -21.45 23.16
N LEU B 83 3.90 -20.90 21.96
CA LEU B 83 3.17 -19.68 21.62
C LEU B 83 1.94 -19.93 20.73
N THR B 84 1.56 -21.20 20.60
CA THR B 84 0.29 -21.57 19.98
C THR B 84 -0.86 -20.90 20.73
N ASN B 85 -1.90 -20.47 20.01
CA ASN B 85 -3.08 -19.91 20.66
C ASN B 85 -3.78 -20.96 21.53
N SER B 86 -4.19 -20.54 22.72
CA SER B 86 -4.94 -21.38 23.66
C SER B 86 -5.38 -20.51 24.83
N ASN B 87 -6.16 -21.11 25.74
CA ASN B 87 -6.62 -20.37 26.91
CA ASN B 87 -6.62 -20.46 26.97
C ASN B 87 -5.50 -19.99 27.88
N VAL B 88 -4.34 -20.66 27.78
CA VAL B 88 -3.20 -20.37 28.64
C VAL B 88 -2.19 -19.43 27.97
N LEU B 89 -2.42 -19.06 26.72
CA LEU B 89 -1.43 -18.23 26.02
C LEU B 89 -1.17 -16.88 26.71
N PRO B 90 -2.25 -16.17 27.14
CA PRO B 90 -2.00 -14.91 27.85
C PRO B 90 -1.10 -15.06 29.07
N ALA B 91 -1.32 -16.09 29.88
CA ALA B 91 -0.46 -16.34 31.04
C ALA B 91 0.98 -16.62 30.60
N SER B 92 1.14 -17.41 29.54
CA SER B 92 2.47 -17.73 29.02
C SER B 92 3.22 -16.46 28.59
N CYS B 93 2.52 -15.57 27.90
CA CYS B 93 3.16 -14.35 27.39
C CYS B 93 3.50 -13.40 28.54
N GLU B 94 2.62 -13.31 29.52
CA GLU B 94 2.87 -12.51 30.73
C GLU B 94 4.12 -13.03 31.44
N GLU B 95 4.26 -14.36 31.49
CA GLU B 95 5.41 -14.99 32.15
C GLU B 95 6.74 -14.73 31.42
N ILE B 96 6.70 -14.62 30.09
CA ILE B 96 7.90 -14.32 29.31
C ILE B 96 8.39 -12.91 29.65
N ILE B 97 7.49 -11.94 29.65
CA ILE B 97 7.85 -10.58 30.03
C ILE B 97 8.32 -10.55 31.49
N ASN B 98 7.58 -11.21 32.37
CA ASN B 98 7.96 -11.31 33.79
C ASN B 98 9.38 -11.84 33.99
N SER B 99 9.76 -12.85 33.19
CA SER B 99 11.10 -13.44 33.26
CA SER B 99 11.09 -13.44 33.27
C SER B 99 12.20 -12.41 33.01
N CYS B 100 11.93 -11.47 32.09
CA CYS B 100 12.89 -10.41 31.82
C CYS B 100 13.04 -9.49 33.05
N PHE B 101 11.92 -9.16 33.69
CA PHE B 101 11.97 -8.34 34.90
C PHE B 101 12.65 -9.05 36.08
N ARG B 102 12.42 -10.35 36.20
CA ARG B 102 13.00 -11.14 37.29
C ARG B 102 14.52 -11.27 37.12
N ALA B 103 14.94 -11.42 35.87
CA ALA B 103 16.37 -11.57 35.55
C ALA B 103 17.13 -10.25 35.65
N PHE B 104 16.54 -9.19 35.08
CA PHE B 104 17.27 -7.99 34.77
C PHE B 104 16.68 -6.70 35.35
N GLY B 105 15.49 -6.79 35.97
CA GLY B 105 14.85 -5.62 36.61
C GLY B 105 14.21 -4.61 35.67
N ARG B 106 14.15 -4.96 34.39
CA ARG B 106 13.67 -4.04 33.37
C ARG B 106 13.48 -4.81 32.08
N CYS B 107 12.70 -4.24 31.17
CA CYS B 107 12.48 -4.82 29.85
C CYS B 107 12.28 -3.69 28.87
N ASP B 108 13.32 -3.43 28.09
CA ASP B 108 13.37 -2.28 27.20
C ASP B 108 12.93 -2.59 25.78
N VAL B 109 13.15 -3.83 25.35
CA VAL B 109 12.94 -4.21 23.96
C VAL B 109 12.25 -5.58 23.90
N LEU B 110 11.28 -5.70 23.00
CA LEU B 110 10.63 -6.97 22.72
C LEU B 110 10.76 -7.21 21.23
N VAL B 111 11.31 -8.36 20.85
CA VAL B 111 11.37 -8.74 19.43
C VAL B 111 10.49 -9.95 19.21
N ASN B 112 9.42 -9.76 18.43
CA ASN B 112 8.53 -10.87 18.07
C ASN B 112 9.00 -11.55 16.81
N ASN B 113 9.76 -12.64 17.00
CA ASN B 113 10.40 -13.39 15.94
C ASN B 113 9.85 -14.82 15.75
N ALA B 114 9.46 -15.47 16.85
CA ALA B 114 8.95 -16.85 16.76
C ALA B 114 7.79 -16.96 15.78
N SER B 115 7.78 -18.06 15.04
CA SER B 115 6.81 -18.18 13.96
C SER B 115 6.68 -19.61 13.49
N ALA B 116 5.45 -20.13 13.51
CA ALA B 116 5.15 -21.39 12.85
C ALA B 116 4.95 -21.11 11.37
N PHE B 117 5.35 -22.06 10.54
CA PHE B 117 5.36 -21.89 9.11
C PHE B 117 5.22 -23.23 8.40
N TYR B 118 4.11 -23.37 7.68
CA TYR B 118 3.82 -24.56 6.89
C TYR B 118 2.56 -24.29 6.07
N PRO B 119 2.40 -25.03 4.95
CA PRO B 119 1.23 -24.77 4.11
C PRO B 119 -0.07 -25.27 4.72
N THR B 120 -1.16 -24.60 4.36
CA THR B 120 -2.52 -24.96 4.77
C THR B 120 -3.44 -24.78 3.55
N PRO B 121 -3.40 -25.75 2.62
CA PRO B 121 -4.20 -25.57 1.39
C PRO B 121 -5.69 -25.39 1.65
N LEU B 122 -6.32 -24.56 0.83
CA LEU B 122 -7.76 -24.33 0.93
C LEU B 122 -8.56 -25.52 0.41
N VAL B 123 -8.01 -26.23 -0.58
CA VAL B 123 -8.69 -27.37 -1.20
C VAL B 123 -7.83 -28.64 -1.13
N GLY B 133 -0.90 -34.39 9.98
CA GLY B 133 -2.15 -34.93 10.50
C GLY B 133 -2.87 -33.97 11.44
N LYS B 134 -2.43 -32.73 11.46
CA LYS B 134 -3.02 -31.70 12.31
C LYS B 134 -4.40 -31.31 11.81
N THR B 135 -5.35 -31.14 12.74
CA THR B 135 -6.65 -30.59 12.40
C THR B 135 -6.48 -29.13 11.98
N VAL B 136 -7.41 -28.63 11.17
CA VAL B 136 -7.36 -27.23 10.76
C VAL B 136 -7.40 -26.27 11.97
N GLU B 137 -8.17 -26.59 13.01
CA GLU B 137 -8.17 -25.70 14.18
C GLU B 137 -6.82 -25.65 14.90
N THR B 138 -6.08 -26.77 14.87
CA THR B 138 -4.72 -26.78 15.43
C THR B 138 -3.81 -25.89 14.59
N GLN B 139 -3.97 -25.97 13.26
CA GLN B 139 -3.19 -25.16 12.33
C GLN B 139 -3.49 -23.68 12.54
N VAL B 140 -4.77 -23.35 12.70
CA VAL B 140 -5.16 -21.98 13.03
C VAL B 140 -4.46 -21.55 14.33
N ALA B 141 -4.54 -22.40 15.35
CA ALA B 141 -3.97 -22.05 16.64
C ALA B 141 -2.47 -21.79 16.56
N GLU B 142 -1.77 -22.67 15.83
CA GLU B 142 -0.31 -22.56 15.69
C GLU B 142 0.10 -21.36 14.84
N LEU B 143 -0.46 -21.27 13.64
CA LEU B 143 -0.03 -20.25 12.69
C LEU B 143 -0.50 -18.86 13.08
N ILE B 144 -1.75 -18.73 13.51
CA ILE B 144 -2.26 -17.43 13.92
C ILE B 144 -1.77 -17.08 15.33
N GLY B 145 -1.66 -18.10 16.19
CA GLY B 145 -1.11 -17.91 17.53
C GLY B 145 0.30 -17.34 17.51
N THR B 146 1.23 -18.05 16.85
CA THR B 146 2.63 -17.61 16.86
C THR B 146 2.86 -16.28 16.15
N ASN B 147 2.22 -16.13 14.99
CA ASN B 147 2.52 -14.98 14.14
C ASN B 147 1.77 -13.70 14.51
N ALA B 148 0.66 -13.84 15.25
CA ALA B 148 -0.18 -12.68 15.52
C ALA B 148 -0.66 -12.55 16.97
N ILE B 149 -1.28 -13.59 17.51
CA ILE B 149 -1.90 -13.48 18.83
CA ILE B 149 -1.89 -13.51 18.83
C ILE B 149 -0.84 -13.37 19.93
N ALA B 150 0.18 -14.21 19.88
CA ALA B 150 1.27 -14.12 20.86
C ALA B 150 1.97 -12.75 20.79
N PRO B 151 2.35 -12.28 19.59
CA PRO B 151 2.86 -10.90 19.56
C PRO B 151 1.91 -9.88 20.21
N PHE B 152 0.61 -10.02 19.97
CA PHE B 152 -0.40 -9.14 20.60
C PHE B 152 -0.36 -9.22 22.14
N LEU B 153 -0.36 -10.44 22.67
CA LEU B 153 -0.37 -10.64 24.13
C LEU B 153 0.95 -10.21 24.77
N LEU B 154 2.06 -10.51 24.11
CA LEU B 154 3.38 -10.07 24.56
C LEU B 154 3.45 -8.53 24.57
N THR B 155 2.84 -7.90 23.56
CA THR B 155 2.77 -6.44 23.50
C THR B 155 1.96 -5.88 24.68
N MET B 156 0.81 -6.49 24.98
CA MET B 156 0.03 -6.10 26.15
C MET B 156 0.84 -6.19 27.42
N SER B 157 1.48 -7.35 27.63
CA SER B 157 2.23 -7.57 28.86
C SER B 157 3.44 -6.63 28.97
N PHE B 158 4.10 -6.39 27.85
CA PHE B 158 5.23 -5.46 27.79
C PHE B 158 4.79 -4.05 28.18
N ALA B 159 3.69 -3.58 27.59
CA ALA B 159 3.18 -2.24 27.87
C ALA B 159 2.69 -2.13 29.32
N GLN B 160 1.98 -3.15 29.80
CA GLN B 160 1.43 -3.13 31.16
C GLN B 160 2.53 -2.94 32.22
N ARG B 161 3.69 -3.52 31.96
CA ARG B 161 4.81 -3.43 32.88
C ARG B 161 5.56 -2.08 32.82
N GLN B 162 5.31 -1.29 31.79
CA GLN B 162 6.00 0.00 31.64
C GLN B 162 5.24 1.12 32.34
N ASN B 173 14.63 4.19 26.14
CA ASN B 173 14.37 3.96 24.72
C ASN B 173 13.66 2.62 24.57
N LEU B 174 12.35 2.62 24.85
CA LEU B 174 11.53 1.40 24.78
C LEU B 174 11.02 1.16 23.38
N SER B 175 11.14 -0.06 22.88
CA SER B 175 10.51 -0.37 21.59
C SER B 175 10.25 -1.85 21.38
N ILE B 176 9.38 -2.11 20.41
CA ILE B 176 9.03 -3.46 19.98
C ILE B 176 9.35 -3.58 18.51
N VAL B 177 9.90 -4.72 18.11
CA VAL B 177 10.16 -4.99 16.69
C VAL B 177 9.51 -6.32 16.33
N ASN B 178 8.65 -6.27 15.31
CA ASN B 178 7.93 -7.43 14.82
C ASN B 178 8.51 -7.93 13.51
N LEU B 179 8.78 -9.22 13.45
CA LEU B 179 9.30 -9.82 12.22
C LEU B 179 8.17 -10.07 11.26
N CYS B 180 8.07 -9.20 10.27
CA CYS B 180 7.00 -9.21 9.27
C CYS B 180 7.43 -9.99 8.03
N ASP B 181 6.78 -9.76 6.90
CA ASP B 181 7.09 -10.51 5.70
C ASP B 181 7.01 -9.53 4.53
N ALA B 182 8.14 -9.31 3.85
CA ALA B 182 8.14 -8.34 2.75
C ALA B 182 7.19 -8.78 1.64
N MET B 183 6.95 -10.10 1.54
CA MET B 183 6.11 -10.66 0.48
C MET B 183 4.65 -10.83 0.89
N VAL B 184 4.24 -10.11 1.95
CA VAL B 184 2.92 -10.32 2.56
C VAL B 184 1.76 -10.02 1.60
N ASP B 185 2.00 -9.14 0.62
CA ASP B 185 1.00 -8.83 -0.40
C ASP B 185 1.20 -9.53 -1.77
N GLN B 186 2.16 -10.46 -1.82
CA GLN B 186 2.40 -11.35 -2.97
C GLN B 186 2.48 -12.76 -2.40
N PRO B 187 1.33 -13.27 -1.93
CA PRO B 187 1.23 -14.51 -1.15
C PRO B 187 1.65 -15.76 -1.92
N CYS B 188 2.21 -16.73 -1.19
CA CYS B 188 2.54 -17.99 -1.80
C CYS B 188 1.35 -18.92 -1.80
N MET B 189 1.19 -19.63 -2.90
CA MET B 189 0.20 -20.65 -3.07
CA MET B 189 0.13 -20.61 -3.04
C MET B 189 0.12 -21.56 -1.84
N ALA B 190 -1.07 -21.70 -1.26
CA ALA B 190 -1.35 -22.68 -0.19
C ALA B 190 -0.88 -22.29 1.22
N PHE B 191 -0.50 -21.02 1.42
CA PHE B 191 -0.02 -20.54 2.72
C PHE B 191 -0.95 -19.50 3.34
N SER B 192 -2.25 -19.65 3.12
CA SER B 192 -3.19 -18.62 3.56
CA SER B 192 -3.25 -18.67 3.57
C SER B 192 -3.12 -18.32 5.05
N LEU B 193 -3.07 -19.34 5.92
CA LEU B 193 -3.04 -19.03 7.37
C LEU B 193 -1.77 -18.29 7.78
N TYR B 194 -0.63 -18.74 7.26
CA TYR B 194 0.62 -18.03 7.54
C TYR B 194 0.49 -16.58 7.07
N ASN B 195 -0.02 -16.40 5.85
CA ASN B 195 -0.15 -15.06 5.27
C ASN B 195 -1.10 -14.19 6.10
N MET B 196 -2.21 -14.79 6.53
CA MET B 196 -3.15 -14.10 7.41
C MET B 196 -2.49 -13.65 8.71
N GLY B 197 -1.67 -14.52 9.29
CA GLY B 197 -0.97 -14.23 10.53
C GLY B 197 -0.03 -13.03 10.37
N LYS B 198 0.74 -13.04 9.30
CA LYS B 198 1.66 -11.95 9.02
C LYS B 198 0.95 -10.66 8.62
N HIS B 199 -0.21 -10.75 7.97
CA HIS B 199 -0.99 -9.56 7.67
C HIS B 199 -1.55 -8.99 8.98
N ALA B 200 -2.03 -9.86 9.87
CA ALA B 200 -2.51 -9.42 11.19
C ALA B 200 -1.38 -8.71 11.96
N LEU B 201 -0.16 -9.24 11.80
CA LEU B 201 1.03 -8.65 12.45
C LEU B 201 1.32 -7.23 11.97
N VAL B 202 1.04 -6.94 10.70
CA VAL B 202 1.14 -5.56 10.20
C VAL B 202 0.14 -4.67 10.93
N GLY B 203 -1.10 -5.15 11.06
CA GLY B 203 -2.13 -4.41 11.80
C GLY B 203 -1.70 -4.17 13.23
N LEU B 204 -1.15 -5.19 13.88
CA LEU B 204 -0.69 -5.03 15.26
C LEU B 204 0.40 -3.97 15.36
N THR B 205 1.37 -4.05 14.46
CA THR B 205 2.50 -3.14 14.46
C THR B 205 2.00 -1.69 14.39
N GLN B 206 1.08 -1.43 13.46
CA GLN B 206 0.53 -0.09 13.27
C GLN B 206 -0.39 0.34 14.40
N SER B 207 -1.30 -0.54 14.84
CA SER B 207 -2.22 -0.23 15.94
C SER B 207 -1.46 0.07 17.24
N ALA B 208 -0.49 -0.78 17.56
CA ALA B 208 0.31 -0.65 18.78
C ALA B 208 1.20 0.59 18.71
N ALA B 209 1.74 0.90 17.53
CA ALA B 209 2.53 2.14 17.40
C ALA B 209 1.69 3.35 17.85
N LEU B 210 0.45 3.44 17.37
CA LEU B 210 -0.39 4.56 17.76
C LEU B 210 -0.80 4.51 19.22
N GLU B 211 -1.21 3.32 19.67
CA GLU B 211 -1.75 3.18 21.02
C GLU B 211 -0.68 3.35 22.09
N LEU B 212 0.55 2.92 21.78
CA LEU B 212 1.63 2.97 22.78
C LEU B 212 2.52 4.22 22.69
N ALA B 213 2.32 5.03 21.65
CA ALA B 213 3.09 6.28 21.51
C ALA B 213 3.05 7.18 22.76
N PRO B 214 1.88 7.30 23.43
CA PRO B 214 1.84 8.13 24.66
C PRO B 214 2.77 7.65 25.77
N TYR B 215 3.18 6.38 25.74
CA TYR B 215 4.10 5.81 26.72
C TYR B 215 5.55 5.88 26.23
N GLY B 216 5.75 6.41 25.03
CA GLY B 216 7.07 6.49 24.43
C GLY B 216 7.62 5.15 23.97
N ILE B 217 6.72 4.18 23.80
CA ILE B 217 7.08 2.87 23.26
C ILE B 217 6.87 2.89 21.75
N ARG B 218 7.96 2.72 21.01
CA ARG B 218 7.88 2.68 19.55
C ARG B 218 7.59 1.25 19.14
N VAL B 219 6.91 1.07 18.01
CA VAL B 219 6.57 -0.28 17.54
C VAL B 219 6.81 -0.33 16.03
N ASN B 220 7.74 -1.17 15.59
CA ASN B 220 8.16 -1.21 14.19
C ASN B 220 8.29 -2.65 13.71
N GLY B 221 8.56 -2.80 12.42
CA GLY B 221 8.72 -4.12 11.85
C GLY B 221 9.93 -4.21 10.97
N VAL B 222 10.48 -5.42 10.87
CA VAL B 222 11.51 -5.77 9.89
C VAL B 222 10.92 -6.88 9.05
N ALA B 223 10.97 -6.71 7.73
CA ALA B 223 10.29 -7.59 6.79
C ALA B 223 11.31 -8.25 5.85
N PRO B 224 11.74 -9.49 6.14
CA PRO B 224 12.59 -10.23 5.20
C PRO B 224 11.82 -10.65 3.96
N GLY B 225 12.54 -10.90 2.87
CA GLY B 225 11.98 -11.47 1.66
C GLY B 225 12.36 -12.93 1.64
N VAL B 226 13.62 -13.19 1.29
CA VAL B 226 14.18 -14.52 1.50
C VAL B 226 15.47 -14.37 2.29
N SER B 227 15.51 -15.09 3.41
CA SER B 227 16.69 -15.08 4.25
C SER B 227 17.16 -16.53 4.35
N LEU B 228 17.87 -16.87 5.42
CA LEU B 228 18.36 -18.22 5.71
C LEU B 228 17.46 -19.32 5.18
N LEU B 229 17.86 -19.93 4.07
CA LEU B 229 17.09 -21.03 3.53
C LEU B 229 17.35 -22.30 4.35
N PRO B 230 16.34 -23.18 4.46
CA PRO B 230 16.50 -24.41 5.23
C PRO B 230 17.68 -25.23 4.71
N VAL B 231 18.58 -25.62 5.62
CA VAL B 231 19.76 -26.40 5.24
C VAL B 231 19.37 -27.63 4.41
N ALA B 232 18.26 -28.28 4.79
CA ALA B 232 17.80 -29.51 4.12
C ALA B 232 17.18 -29.32 2.72
N MET B 233 16.81 -28.08 2.38
CA MET B 233 16.28 -27.79 1.05
C MET B 233 17.38 -28.05 0.01
N GLY B 234 17.04 -28.75 -1.08
CA GLY B 234 17.99 -29.03 -2.16
C GLY B 234 18.62 -27.74 -2.68
N GLU B 235 19.94 -27.76 -2.87
CA GLU B 235 20.62 -26.55 -3.40
C GLU B 235 20.03 -26.12 -4.74
N GLU B 236 19.58 -27.08 -5.55
CA GLU B 236 18.94 -26.75 -6.83
C GLU B 236 17.65 -25.93 -6.62
N GLU B 237 16.90 -26.26 -5.57
CA GLU B 237 15.73 -25.45 -5.19
C GLU B 237 16.14 -24.12 -4.53
N LYS B 238 17.12 -24.16 -3.64
CA LYS B 238 17.60 -22.91 -3.02
C LYS B 238 17.97 -21.92 -4.11
N ASP B 239 18.71 -22.39 -5.11
CA ASP B 239 19.14 -21.54 -6.22
C ASP B 239 17.99 -20.93 -7.01
N LYS B 240 16.90 -21.69 -7.17
CA LYS B 240 15.70 -21.16 -7.82
C LYS B 240 15.23 -19.89 -7.13
N TRP B 241 15.19 -19.91 -5.79
CA TRP B 241 14.71 -18.77 -5.00
C TRP B 241 15.74 -17.64 -4.96
N ARG B 242 17.02 -18.01 -4.83
CA ARG B 242 18.11 -17.05 -4.80
C ARG B 242 18.14 -16.19 -6.05
N ARG B 243 17.94 -16.82 -7.21
CA ARG B 243 18.03 -16.13 -8.50
C ARG B 243 16.97 -15.06 -8.70
N LYS B 244 15.93 -15.10 -7.86
CA LYS B 244 14.85 -14.12 -7.94
C LYS B 244 15.19 -12.79 -7.29
N VAL B 245 16.21 -12.77 -6.44
CA VAL B 245 16.56 -11.55 -5.68
C VAL B 245 17.44 -10.63 -6.54
N PRO B 246 16.94 -9.41 -6.85
CA PRO B 246 17.70 -8.48 -7.69
C PRO B 246 19.10 -8.18 -7.16
N LEU B 247 19.19 -7.91 -5.87
CA LEU B 247 20.46 -7.49 -5.28
C LEU B 247 21.30 -8.70 -4.89
N GLY B 248 22.18 -9.13 -5.79
CA GLY B 248 23.13 -10.19 -5.47
C GLY B 248 22.68 -11.62 -5.72
N ARG B 249 21.41 -11.82 -6.10
CA ARG B 249 20.90 -13.16 -6.43
C ARG B 249 21.23 -14.11 -5.28
N ARG B 250 20.99 -13.64 -4.06
CA ARG B 250 21.34 -14.37 -2.86
C ARG B 250 20.34 -14.02 -1.76
N GLU B 251 20.11 -14.95 -0.85
CA GLU B 251 19.27 -14.69 0.31
C GLU B 251 20.01 -13.83 1.35
N ALA B 252 19.25 -13.12 2.18
CA ALA B 252 19.85 -12.35 3.29
C ALA B 252 20.42 -13.30 4.34
N SER B 253 21.57 -12.95 4.90
CA SER B 253 22.04 -13.64 6.10
C SER B 253 21.12 -13.27 7.27
N ALA B 254 21.11 -14.09 8.32
CA ALA B 254 20.39 -13.73 9.53
C ALA B 254 20.92 -12.42 10.10
N GLU B 255 22.24 -12.22 9.97
CA GLU B 255 22.90 -11.00 10.48
C GLU B 255 22.40 -9.74 9.78
N GLN B 256 22.16 -9.83 8.48
CA GLN B 256 21.60 -8.71 7.74
C GLN B 256 20.20 -8.32 8.22
N ILE B 257 19.37 -9.31 8.52
CA ILE B 257 18.06 -9.04 9.11
C ILE B 257 18.27 -8.41 10.49
N ALA B 258 19.17 -8.99 11.29
CA ALA B 258 19.45 -8.47 12.63
C ALA B 258 19.90 -7.00 12.60
N ASP B 259 20.69 -6.62 11.59
CA ASP B 259 21.16 -5.24 11.47
C ASP B 259 19.99 -4.24 11.44
N ALA B 260 18.89 -4.60 10.78
CA ALA B 260 17.75 -3.68 10.73
C ALA B 260 17.05 -3.60 12.08
N VAL B 261 17.03 -4.71 12.81
CA VAL B 261 16.45 -4.71 14.16
C VAL B 261 17.26 -3.80 15.06
N ILE B 262 18.59 -3.91 14.99
CA ILE B 262 19.49 -3.08 15.78
C ILE B 262 19.26 -1.59 15.49
N PHE B 263 19.11 -1.23 14.22
CA PHE B 263 18.83 0.15 13.89
C PHE B 263 17.54 0.62 14.56
N LEU B 264 16.47 -0.17 14.40
CA LEU B 264 15.14 0.21 14.92
C LEU B 264 15.10 0.39 16.44
N VAL B 265 15.91 -0.39 17.17
CA VAL B 265 15.89 -0.24 18.63
C VAL B 265 16.84 0.86 19.12
N SER B 266 17.68 1.37 18.22
CA SER B 266 18.76 2.29 18.59
C SER B 266 18.30 3.73 18.77
N GLY B 267 19.17 4.55 19.35
CA GLY B 267 18.93 5.99 19.47
C GLY B 267 18.77 6.69 18.14
N SER B 268 19.24 6.06 17.06
CA SER B 268 19.16 6.63 15.70
C SER B 268 17.80 6.48 15.04
N ALA B 269 16.88 5.87 15.79
CA ALA B 269 15.53 5.62 15.28
C ALA B 269 14.46 6.12 16.24
N GLN B 270 14.80 7.09 17.08
CA GLN B 270 13.89 7.48 18.15
C GLN B 270 12.61 8.22 17.73
N TYR B 271 12.52 8.60 16.45
CA TYR B 271 11.31 9.20 15.90
C TYR B 271 10.55 8.22 15.01
N ILE B 272 11.10 7.02 14.84
CA ILE B 272 10.52 6.03 13.94
C ILE B 272 9.56 5.16 14.73
N THR B 273 8.30 5.21 14.35
CA THR B 273 7.31 4.29 14.91
C THR B 273 6.25 3.97 13.87
N GLY B 274 5.80 2.72 13.88
CA GLY B 274 4.81 2.25 12.90
C GLY B 274 5.37 1.97 11.51
N SER B 275 6.70 1.90 11.41
CA SER B 275 7.38 1.69 10.14
C SER B 275 7.79 0.25 10.02
N ILE B 276 7.67 -0.30 8.80
CA ILE B 276 8.10 -1.67 8.52
C ILE B 276 9.18 -1.60 7.46
N ILE B 277 10.41 -1.92 7.84
CA ILE B 277 11.54 -1.83 6.92
C ILE B 277 11.71 -3.17 6.18
N LYS B 278 11.55 -3.17 4.86
CA LYS B 278 11.87 -4.35 4.06
C LYS B 278 13.38 -4.52 4.03
N VAL B 279 13.83 -5.74 4.28
CA VAL B 279 15.23 -6.11 4.10
C VAL B 279 15.23 -7.28 3.13
N ASP B 280 15.04 -6.97 1.85
CA ASP B 280 14.67 -8.00 0.88
C ASP B 280 15.43 -7.97 -0.43
N GLY B 281 16.46 -7.13 -0.53
CA GLY B 281 17.27 -7.07 -1.75
C GLY B 281 16.46 -6.76 -3.01
N GLY B 282 15.31 -6.12 -2.83
CA GLY B 282 14.42 -5.75 -3.93
C GLY B 282 13.40 -6.81 -4.34
N LEU B 283 13.36 -7.92 -3.63
CA LEU B 283 12.54 -9.07 -4.05
C LEU B 283 11.05 -8.71 -4.22
N SER B 284 10.50 -7.94 -3.28
CA SER B 284 9.08 -7.58 -3.33
C SER B 284 8.71 -6.69 -4.52
N LEU B 285 9.73 -6.13 -5.20
CA LEU B 285 9.49 -5.26 -6.35
C LEU B 285 9.43 -6.01 -7.68
N VAL B 286 9.76 -7.31 -7.63
CA VAL B 286 9.89 -8.12 -8.84
C VAL B 286 8.54 -8.69 -9.28
N HIS B 287 8.12 -8.36 -10.50
CA HIS B 287 6.87 -8.88 -11.03
C HIS B 287 6.96 -10.36 -11.43
N ALA B 288 5.80 -10.97 -11.68
CA ALA B 288 5.72 -12.37 -12.14
C ALA B 288 6.59 -12.68 -13.36
N ALA C 23 -29.11 13.97 -22.08
CA ALA C 23 -28.09 12.88 -21.95
C ALA C 23 -26.75 13.44 -21.45
N PRO C 24 -26.08 12.69 -20.57
CA PRO C 24 -24.78 13.17 -20.08
C PRO C 24 -23.71 13.06 -21.17
N ALA C 25 -22.58 13.74 -20.97
CA ALA C 25 -21.53 13.76 -21.99
C ALA C 25 -20.19 13.40 -21.35
N ALA C 26 -19.37 12.64 -22.09
CA ALA C 26 -18.06 12.19 -21.61
C ALA C 26 -16.94 12.53 -22.59
N VAL C 27 -15.78 12.87 -22.06
CA VAL C 27 -14.55 12.97 -22.85
C VAL C 27 -13.70 11.73 -22.59
N VAL C 28 -13.25 11.04 -23.64
CA VAL C 28 -12.30 9.93 -23.47
C VAL C 28 -11.04 10.25 -24.28
N THR C 29 -9.89 10.36 -23.60
CA THR C 29 -8.65 10.64 -24.34
C THR C 29 -8.08 9.35 -24.91
N GLY C 30 -7.38 9.46 -26.05
CA GLY C 30 -6.84 8.29 -26.74
C GLY C 30 -7.91 7.25 -27.03
N ALA C 31 -9.05 7.70 -27.55
CA ALA C 31 -10.23 6.86 -27.71
C ALA C 31 -10.41 6.21 -29.09
N ALA C 32 -9.45 6.38 -29.98
CA ALA C 32 -9.63 5.86 -31.34
C ALA C 32 -9.53 4.34 -31.43
N LYS C 33 -8.72 3.77 -30.53
CA LYS C 33 -8.37 2.36 -30.61
CA LYS C 33 -8.34 2.36 -30.61
C LYS C 33 -8.35 1.69 -29.25
N ARG C 34 -8.33 0.36 -29.27
CA ARG C 34 -8.00 -0.43 -28.09
C ARG C 34 -8.85 -0.10 -26.88
N ILE C 35 -8.23 0.12 -25.72
CA ILE C 35 -9.01 0.29 -24.49
C ILE C 35 -9.87 1.58 -24.54
N GLY C 36 -9.29 2.68 -25.00
CA GLY C 36 -10.04 3.95 -25.08
C GLY C 36 -11.28 3.81 -25.95
N ARG C 37 -11.14 3.11 -27.07
CA ARG C 37 -12.27 2.84 -27.99
C ARG C 37 -13.37 2.09 -27.26
N ALA C 38 -12.99 1.05 -26.52
CA ALA C 38 -13.97 0.24 -25.79
C ALA C 38 -14.71 1.02 -24.72
N ILE C 39 -13.97 1.90 -24.06
CA ILE C 39 -14.56 2.80 -23.08
C ILE C 39 -15.57 3.76 -23.74
N ALA C 40 -15.18 4.35 -24.86
CA ALA C 40 -16.08 5.27 -25.58
C ALA C 40 -17.33 4.52 -26.05
N VAL C 41 -17.14 3.32 -26.59
CA VAL C 41 -18.28 2.52 -27.05
C VAL C 41 -19.24 2.19 -25.91
N LYS C 42 -18.70 1.70 -24.80
CA LYS C 42 -19.54 1.35 -23.66
C LYS C 42 -20.26 2.56 -23.07
N LEU C 43 -19.54 3.68 -22.93
CA LEU C 43 -20.20 4.91 -22.45
C LEU C 43 -21.35 5.27 -23.39
N HIS C 44 -21.09 5.23 -24.69
CA HIS C 44 -22.11 5.55 -25.68
C HIS C 44 -23.33 4.61 -25.54
N GLN C 45 -23.06 3.33 -25.37
CA GLN C 45 -24.13 2.33 -25.25
C GLN C 45 -24.96 2.54 -23.98
N THR C 46 -24.33 3.14 -22.97
CA THR C 46 -24.97 3.44 -21.69
C THR C 46 -25.81 4.72 -21.78
N GLY C 47 -25.64 5.47 -22.88
CA GLY C 47 -26.47 6.65 -23.13
C GLY C 47 -25.72 7.97 -23.16
N TYR C 48 -24.39 7.94 -22.99
CA TYR C 48 -23.57 9.14 -23.08
C TYR C 48 -23.36 9.63 -24.51
N ARG C 49 -23.26 10.95 -24.65
CA ARG C 49 -22.64 11.54 -25.82
C ARG C 49 -21.15 11.57 -25.53
N VAL C 50 -20.32 11.39 -26.57
CA VAL C 50 -18.88 11.22 -26.36
CA VAL C 50 -18.89 11.19 -26.37
C VAL C 50 -18.02 12.09 -27.24
N VAL C 51 -16.96 12.62 -26.64
CA VAL C 51 -15.86 13.26 -27.36
C VAL C 51 -14.75 12.23 -27.45
N ILE C 52 -14.44 11.86 -28.68
CA ILE C 52 -13.39 10.92 -29.00
C ILE C 52 -12.10 11.68 -29.28
N HIS C 53 -11.23 11.80 -28.28
CA HIS C 53 -9.95 12.43 -28.51
C HIS C 53 -8.93 11.48 -29.18
N TYR C 54 -8.09 12.05 -30.04
CA TYR C 54 -7.02 11.30 -30.70
C TYR C 54 -5.84 12.22 -30.95
N HIS C 55 -4.68 11.62 -31.22
CA HIS C 55 -3.48 12.35 -31.56
C HIS C 55 -3.13 12.02 -33.03
N ASN C 56 -2.70 10.79 -33.30
CA ASN C 56 -2.35 10.38 -34.66
C ASN C 56 -3.43 9.59 -35.40
N SER C 57 -4.38 9.03 -34.66
CA SER C 57 -5.32 8.06 -35.26
C SER C 57 -6.61 8.71 -35.73
N ALA C 58 -6.47 9.69 -36.63
CA ALA C 58 -7.63 10.40 -37.16
C ALA C 58 -8.64 9.50 -37.86
N GLU C 59 -8.14 8.63 -38.73
CA GLU C 59 -9.03 7.75 -39.51
C GLU C 59 -9.88 6.88 -38.57
N ALA C 60 -9.23 6.25 -37.59
CA ALA C 60 -9.91 5.38 -36.63
C ALA C 60 -10.90 6.16 -35.75
N ALA C 61 -10.50 7.36 -35.33
CA ALA C 61 -11.37 8.20 -34.51
C ALA C 61 -12.65 8.53 -35.27
N VAL C 62 -12.51 8.96 -36.53
CA VAL C 62 -13.67 9.33 -37.32
C VAL C 62 -14.51 8.09 -37.62
N SER C 63 -13.85 6.96 -37.87
CA SER C 63 -14.57 5.71 -38.12
C SER C 63 -15.45 5.32 -36.92
N LEU C 64 -14.91 5.49 -35.72
CA LEU C 64 -15.68 5.27 -34.49
C LEU C 64 -16.84 6.26 -34.35
N ALA C 65 -16.56 7.55 -34.50
CA ALA C 65 -17.61 8.57 -34.46
C ALA C 65 -18.74 8.24 -35.44
N ASP C 66 -18.37 7.84 -36.65
CA ASP C 66 -19.35 7.46 -37.67
C ASP C 66 -20.29 6.35 -37.17
N GLU C 67 -19.69 5.32 -36.55
CA GLU C 67 -20.43 4.16 -36.03
C GLU C 67 -21.41 4.57 -34.91
N LEU C 68 -20.93 5.40 -33.99
CA LEU C 68 -21.76 5.86 -32.87
C LEU C 68 -22.87 6.81 -33.34
N ASN C 69 -22.55 7.67 -34.31
CA ASN C 69 -23.54 8.59 -34.86
C ASN C 69 -24.60 7.89 -35.70
N LYS C 70 -24.22 6.77 -36.31
CA LYS C 70 -25.16 5.92 -37.03
C LYS C 70 -26.22 5.38 -36.08
N GLU C 71 -25.80 5.05 -34.86
CA GLU C 71 -26.70 4.56 -33.82
C GLU C 71 -27.63 5.66 -33.33
N ARG C 72 -27.05 6.80 -32.96
CA ARG C 72 -27.81 7.97 -32.49
C ARG C 72 -27.15 9.21 -33.07
N SER C 73 -27.90 9.93 -33.91
CA SER C 73 -27.39 11.12 -34.58
C SER C 73 -26.80 12.16 -33.61
N ASN C 74 -25.67 12.74 -34.01
CA ASN C 74 -25.03 13.84 -33.29
C ASN C 74 -24.73 13.54 -31.81
N THR C 75 -24.25 12.33 -31.56
CA THR C 75 -23.89 11.92 -30.19
C THR C 75 -22.41 11.62 -30.03
N ALA C 76 -21.63 11.80 -31.09
CA ALA C 76 -20.19 11.59 -31.00
C ALA C 76 -19.47 12.62 -31.87
N VAL C 77 -18.39 13.15 -31.32
CA VAL C 77 -17.53 14.09 -32.04
C VAL C 77 -16.08 13.70 -31.77
N VAL C 78 -15.17 14.14 -32.63
CA VAL C 78 -13.74 13.90 -32.42
C VAL C 78 -13.01 15.18 -32.04
N CYS C 79 -11.84 15.02 -31.43
CA CYS C 79 -11.05 16.16 -30.99
C CYS C 79 -9.59 15.75 -31.05
N GLN C 80 -8.79 16.52 -31.79
CA GLN C 80 -7.37 16.21 -31.96
C GLN C 80 -6.50 17.00 -30.99
N ALA C 81 -5.55 16.32 -30.36
CA ALA C 81 -4.56 17.05 -29.56
C ALA C 81 -3.37 16.17 -29.23
N ASP C 82 -2.19 16.77 -29.30
CA ASP C 82 -0.98 16.18 -28.72
C ASP C 82 -1.01 16.48 -27.23
N LEU C 83 -0.81 15.44 -26.42
CA LEU C 83 -0.82 15.57 -24.95
C LEU C 83 0.59 15.54 -24.32
N THR C 84 1.61 15.60 -25.17
CA THR C 84 2.98 15.83 -24.72
C THR C 84 3.07 17.13 -23.92
N ASN C 85 3.87 17.15 -22.85
CA ASN C 85 4.01 18.41 -22.12
C ASN C 85 4.71 19.45 -22.98
N SER C 86 4.23 20.70 -22.89
CA SER C 86 4.81 21.81 -23.64
C SER C 86 4.16 23.09 -23.16
N ASN C 87 4.64 24.23 -23.64
CA ASN C 87 4.04 25.53 -23.33
C ASN C 87 2.56 25.63 -23.74
N VAL C 88 2.15 24.87 -24.75
CA VAL C 88 0.78 24.96 -25.24
C VAL C 88 -0.13 23.87 -24.65
N LEU C 89 0.41 22.94 -23.87
CA LEU C 89 -0.43 21.86 -23.33
C LEU C 89 -1.66 22.36 -22.51
N PRO C 90 -1.48 23.32 -21.60
CA PRO C 90 -2.68 23.80 -20.90
C PRO C 90 -3.79 24.29 -21.84
N ALA C 91 -3.44 25.05 -22.87
CA ALA C 91 -4.44 25.49 -23.85
C ALA C 91 -5.09 24.29 -24.56
N SER C 92 -4.26 23.30 -24.91
CA SER C 92 -4.76 22.12 -25.61
C SER C 92 -5.79 21.36 -24.77
N CYS C 93 -5.49 21.22 -23.48
CA CYS C 93 -6.37 20.52 -22.56
C CYS C 93 -7.66 21.31 -22.31
N GLU C 94 -7.54 22.63 -22.17
CA GLU C 94 -8.73 23.48 -22.05
C GLU C 94 -9.64 23.28 -23.26
N GLU C 95 -9.05 23.23 -24.45
CA GLU C 95 -9.83 23.06 -25.68
C GLU C 95 -10.51 21.68 -25.78
N ILE C 96 -9.89 20.64 -25.23
CA ILE C 96 -10.55 19.32 -25.22
C ILE C 96 -11.83 19.38 -24.39
N ILE C 97 -11.74 19.95 -23.20
CA ILE C 97 -12.94 20.13 -22.35
C ILE C 97 -13.96 21.05 -23.04
N ASN C 98 -13.46 22.14 -23.61
CA ASN C 98 -14.31 23.08 -24.33
CA ASN C 98 -14.30 23.08 -24.35
C ASN C 98 -15.08 22.40 -25.47
N SER C 99 -14.43 21.46 -26.16
CA SER C 99 -15.06 20.76 -27.29
CA SER C 99 -15.07 20.78 -27.28
C SER C 99 -16.29 19.98 -26.82
N CYS C 100 -16.22 19.43 -25.61
CA CYS C 100 -17.36 18.72 -25.05
C CYS C 100 -18.52 19.70 -24.77
N PHE C 101 -18.22 20.85 -24.18
CA PHE C 101 -19.26 21.84 -23.92
C PHE C 101 -19.85 22.41 -25.21
N ARG C 102 -19.01 22.56 -26.24
CA ARG C 102 -19.45 23.08 -27.54
CA ARG C 102 -19.45 23.07 -27.55
C ARG C 102 -20.42 22.11 -28.22
N ALA C 103 -20.06 20.83 -28.22
CA ALA C 103 -20.85 19.82 -28.90
C ALA C 103 -22.15 19.53 -28.16
N PHE C 104 -22.06 19.46 -26.84
CA PHE C 104 -23.09 18.82 -26.02
C PHE C 104 -23.66 19.68 -24.89
N GLY C 105 -23.03 20.83 -24.62
CA GLY C 105 -23.54 21.79 -23.64
C GLY C 105 -23.29 21.41 -22.18
N ARG C 106 -22.45 20.41 -21.98
CA ARG C 106 -22.16 19.87 -20.64
C ARG C 106 -20.98 18.90 -20.75
N CYS C 107 -20.34 18.63 -19.61
CA CYS C 107 -19.29 17.63 -19.55
C CYS C 107 -19.35 16.96 -18.19
N ASP C 108 -19.84 15.74 -18.18
CA ASP C 108 -20.11 15.02 -16.94
C ASP C 108 -18.98 14.09 -16.53
N VAL C 109 -18.26 13.55 -17.51
CA VAL C 109 -17.27 12.49 -17.29
C VAL C 109 -16.01 12.79 -18.08
N LEU C 110 -14.86 12.62 -17.44
CA LEU C 110 -13.56 12.69 -18.10
C LEU C 110 -12.85 11.37 -17.85
N VAL C 111 -12.39 10.71 -18.92
CA VAL C 111 -11.60 9.49 -18.81
C VAL C 111 -10.21 9.77 -19.37
N ASN C 112 -9.23 9.80 -18.47
CA ASN C 112 -7.82 9.96 -18.86
C ASN C 112 -7.21 8.61 -19.23
N ASN C 113 -7.24 8.31 -20.52
CA ASN C 113 -6.80 7.01 -21.05
C ASN C 113 -5.54 7.09 -21.93
N ALA C 114 -5.37 8.20 -22.65
CA ALA C 114 -4.22 8.40 -23.54
C ALA C 114 -2.91 8.21 -22.80
N SER C 115 -1.95 7.56 -23.46
CA SER C 115 -0.70 7.21 -22.77
C SER C 115 0.42 6.92 -23.74
N ALA C 116 1.53 7.62 -23.58
CA ALA C 116 2.77 7.22 -24.26
C ALA C 116 3.44 6.11 -23.43
N PHE C 117 4.05 5.17 -24.13
CA PHE C 117 4.59 3.96 -23.49
C PHE C 117 5.77 3.41 -24.27
N TYR C 118 6.94 3.47 -23.65
CA TYR C 118 8.17 2.92 -24.22
C TYR C 118 9.29 2.99 -23.18
N PRO C 119 10.35 2.18 -23.37
CA PRO C 119 11.41 2.19 -22.36
C PRO C 119 12.33 3.41 -22.38
N THR C 120 12.91 3.70 -21.23
CA THR C 120 13.86 4.77 -21.02
C THR C 120 14.93 4.24 -20.06
N PRO C 121 15.93 3.49 -20.60
CA PRO C 121 16.93 2.91 -19.70
C PRO C 121 17.77 3.94 -18.93
N LEU C 122 18.09 3.64 -17.68
CA LEU C 122 18.90 4.54 -16.85
C LEU C 122 20.35 4.59 -17.29
N VAL C 123 20.86 3.48 -17.80
CA VAL C 123 22.26 3.39 -18.23
C VAL C 123 22.34 3.12 -19.73
N GLY C 133 15.19 8.01 -31.54
CA GLY C 133 16.19 9.08 -31.55
C GLY C 133 15.78 10.28 -30.73
N LYS C 134 14.84 10.07 -29.80
CA LYS C 134 14.35 11.15 -28.92
C LYS C 134 15.36 11.43 -27.82
N THR C 135 15.58 12.71 -27.54
CA THR C 135 16.35 13.12 -26.36
C THR C 135 15.60 12.72 -25.10
N VAL C 136 16.33 12.62 -23.98
CA VAL C 136 15.69 12.25 -22.72
C VAL C 136 14.60 13.25 -22.34
N GLU C 137 14.84 14.54 -22.57
CA GLU C 137 13.83 15.56 -22.25
C GLU C 137 12.55 15.45 -23.09
N THR C 138 12.69 15.05 -24.35
CA THR C 138 11.51 14.73 -25.17
C THR C 138 10.75 13.54 -24.55
N GLN C 139 11.49 12.54 -24.08
CA GLN C 139 10.86 11.37 -23.45
C GLN C 139 10.14 11.78 -22.17
N VAL C 140 10.78 12.66 -21.40
CA VAL C 140 10.14 13.24 -20.20
C VAL C 140 8.81 13.92 -20.59
N ALA C 141 8.87 14.80 -21.59
CA ALA C 141 7.69 15.52 -22.06
C ALA C 141 6.56 14.60 -22.49
N GLU C 142 6.90 13.55 -23.25
CA GLU C 142 5.91 12.60 -23.75
C GLU C 142 5.37 11.69 -22.66
N LEU C 143 6.26 11.00 -21.94
CA LEU C 143 5.85 10.01 -20.96
C LEU C 143 5.17 10.64 -19.73
N ILE C 144 5.79 11.68 -19.17
CA ILE C 144 5.19 12.37 -18.04
C ILE C 144 4.01 13.27 -18.48
N GLY C 145 4.11 13.89 -19.65
CA GLY C 145 3.00 14.67 -20.20
C GLY C 145 1.71 13.88 -20.37
N THR C 146 1.77 12.81 -21.17
CA THR C 146 0.56 12.04 -21.44
C THR C 146 0.00 11.37 -20.18
N ASN C 147 0.87 10.80 -19.34
CA ASN C 147 0.43 9.97 -18.24
C ASN C 147 0.07 10.74 -16.98
N ALA C 148 0.59 11.96 -16.87
CA ALA C 148 0.41 12.72 -15.63
C ALA C 148 0.03 14.19 -15.82
N ILE C 149 0.79 14.94 -16.61
CA ILE C 149 0.53 16.39 -16.67
C ILE C 149 -0.78 16.70 -17.40
N ALA C 150 -1.00 16.04 -18.54
CA ALA C 150 -2.24 16.24 -19.26
C ALA C 150 -3.47 15.83 -18.42
N PRO C 151 -3.46 14.65 -17.78
CA PRO C 151 -4.55 14.38 -16.84
C PRO C 151 -4.75 15.47 -15.78
N PHE C 152 -3.66 16.03 -15.26
CA PHE C 152 -3.75 17.13 -14.31
C PHE C 152 -4.43 18.37 -14.92
N LEU C 153 -3.99 18.77 -16.11
CA LEU C 153 -4.56 19.96 -16.76
C LEU C 153 -6.02 19.75 -17.19
N LEU C 154 -6.31 18.55 -17.72
CA LEU C 154 -7.67 18.20 -18.10
C LEU C 154 -8.58 18.20 -16.87
N THR C 155 -8.05 17.70 -15.74
CA THR C 155 -8.78 17.74 -14.47
C THR C 155 -9.10 19.18 -14.03
N MET C 156 -8.09 20.05 -14.11
CA MET C 156 -8.27 21.48 -13.84
CA MET C 156 -8.27 21.47 -13.83
C MET C 156 -9.38 22.07 -14.69
N SER C 157 -9.28 21.86 -16.01
CA SER C 157 -10.25 22.42 -16.94
CA SER C 157 -10.24 22.43 -16.95
C SER C 157 -11.63 21.84 -16.74
N PHE C 158 -11.70 20.53 -16.47
CA PHE C 158 -12.97 19.88 -16.20
C PHE C 158 -13.64 20.51 -14.97
N ALA C 159 -12.88 20.68 -13.89
CA ALA C 159 -13.41 21.19 -12.62
C ALA C 159 -13.82 22.66 -12.73
N GLN C 160 -12.97 23.45 -13.39
CA GLN C 160 -13.20 24.88 -13.58
C GLN C 160 -14.54 25.17 -14.27
N ARG C 161 -14.86 24.35 -15.27
CA ARG C 161 -16.06 24.51 -16.08
C ARG C 161 -17.36 24.14 -15.37
N GLN C 162 -17.28 23.47 -14.22
CA GLN C 162 -18.49 23.02 -13.54
C GLN C 162 -19.06 24.12 -12.65
N SER C 172 -26.95 15.59 -10.74
CA SER C 172 -25.72 15.46 -11.50
C SER C 172 -24.85 14.34 -10.94
N ASN C 173 -24.10 13.67 -11.82
CA ASN C 173 -23.15 12.62 -11.42
C ASN C 173 -21.83 12.81 -12.16
N LEU C 174 -21.04 13.77 -11.68
CA LEU C 174 -19.76 14.13 -12.27
C LEU C 174 -18.65 13.25 -11.74
N SER C 175 -17.79 12.77 -12.64
CA SER C 175 -16.63 12.01 -12.19
C SER C 175 -15.55 11.93 -13.24
N ILE C 176 -14.34 11.61 -12.76
CA ILE C 176 -13.15 11.44 -13.57
C ILE C 176 -12.67 10.03 -13.31
N VAL C 177 -12.27 9.34 -14.37
CA VAL C 177 -11.61 8.03 -14.22
C VAL C 177 -10.25 8.07 -14.92
N ASN C 178 -9.22 7.72 -14.16
CA ASN C 178 -7.84 7.68 -14.68
C ASN C 178 -7.39 6.26 -14.90
N LEU C 179 -6.83 5.98 -16.08
CA LEU C 179 -6.31 4.66 -16.37
C LEU C 179 -4.93 4.52 -15.77
N CYS C 180 -4.86 3.77 -14.68
CA CYS C 180 -3.67 3.59 -13.87
C CYS C 180 -2.96 2.31 -14.31
N ASP C 181 -2.20 1.70 -13.40
CA ASP C 181 -1.43 0.52 -13.73
C ASP C 181 -1.39 -0.37 -12.49
N ALA C 182 -1.95 -1.57 -12.59
CA ALA C 182 -1.98 -2.47 -11.43
C ALA C 182 -0.57 -2.84 -10.99
N MET C 183 0.37 -2.81 -11.94
CA MET C 183 1.76 -3.22 -11.70
C MET C 183 2.67 -2.07 -11.29
N VAL C 184 2.08 -0.95 -10.91
CA VAL C 184 2.86 0.27 -10.69
C VAL C 184 3.93 0.12 -9.59
N ASP C 185 3.73 -0.81 -8.65
CA ASP C 185 4.72 -1.02 -7.59
C ASP C 185 5.59 -2.27 -7.79
N GLN C 186 5.46 -2.87 -8.98
CA GLN C 186 6.32 -3.96 -9.42
C GLN C 186 6.79 -3.63 -10.83
N PRO C 187 7.69 -2.63 -10.93
CA PRO C 187 8.06 -2.01 -12.21
C PRO C 187 8.83 -2.94 -13.13
N CYS C 188 8.65 -2.73 -14.44
CA CYS C 188 9.44 -3.40 -15.43
C CYS C 188 10.78 -2.73 -15.62
N MET C 189 11.80 -3.56 -15.76
CA MET C 189 13.14 -3.16 -16.10
C MET C 189 13.12 -2.16 -17.25
N ALA C 190 13.76 -1.00 -17.03
CA ALA C 190 14.02 0.00 -18.08
C ALA C 190 12.85 0.95 -18.40
N PHE C 191 11.81 0.94 -17.56
CA PHE C 191 10.62 1.76 -17.81
C PHE C 191 10.41 2.86 -16.74
N SER C 192 11.49 3.39 -16.20
CA SER C 192 11.38 4.33 -15.08
CA SER C 192 11.42 4.37 -15.10
C SER C 192 10.47 5.54 -15.37
N LEU C 193 10.61 6.19 -16.53
CA LEU C 193 9.79 7.37 -16.78
C LEU C 193 8.31 7.03 -16.91
N TYR C 194 7.99 5.97 -17.65
CA TYR C 194 6.61 5.52 -17.72
C TYR C 194 6.09 5.23 -16.32
N ASN C 195 6.88 4.49 -15.54
CA ASN C 195 6.49 4.16 -14.16
C ASN C 195 6.28 5.40 -13.31
N MET C 196 7.20 6.37 -13.44
CA MET C 196 7.04 7.62 -12.69
C MET C 196 5.75 8.34 -13.08
N GLY C 197 5.44 8.36 -14.38
CA GLY C 197 4.20 8.98 -14.85
C GLY C 197 2.96 8.31 -14.28
N LYS C 198 2.93 6.98 -14.26
CA LYS C 198 1.78 6.26 -13.67
C LYS C 198 1.69 6.41 -12.16
N HIS C 199 2.84 6.49 -11.49
CA HIS C 199 2.84 6.80 -10.05
C HIS C 199 2.28 8.20 -9.79
N ALA C 200 2.73 9.16 -10.59
CA ALA C 200 2.22 10.52 -10.50
C ALA C 200 0.68 10.52 -10.68
N LEU C 201 0.20 9.65 -11.56
CA LEU C 201 -1.25 9.58 -11.84
C LEU C 201 -2.03 9.06 -10.63
N VAL C 202 -1.45 8.10 -9.89
CA VAL C 202 -2.00 7.71 -8.59
C VAL C 202 -2.14 8.92 -7.64
N GLY C 203 -1.07 9.72 -7.53
CA GLY C 203 -1.07 10.93 -6.72
C GLY C 203 -2.17 11.89 -7.17
N LEU C 204 -2.28 12.09 -8.48
CA LEU C 204 -3.33 12.97 -9.01
C LEU C 204 -4.72 12.44 -8.68
N THR C 205 -4.92 11.13 -8.87
CA THR C 205 -6.22 10.54 -8.58
C THR C 205 -6.65 10.82 -7.14
N GLN C 206 -5.72 10.59 -6.20
CA GLN C 206 -6.05 10.77 -4.79
C GLN C 206 -6.15 12.24 -4.40
N SER C 207 -5.23 13.06 -4.88
CA SER C 207 -5.28 14.50 -4.61
C SER C 207 -6.57 15.15 -5.13
N ALA C 208 -6.91 14.85 -6.39
CA ALA C 208 -8.10 15.44 -6.99
C ALA C 208 -9.37 14.89 -6.35
N ALA C 209 -9.36 13.63 -5.94
CA ALA C 209 -10.53 13.07 -5.24
C ALA C 209 -10.82 13.93 -4.00
N LEU C 210 -9.79 14.25 -3.24
CA LEU C 210 -9.97 15.04 -2.01
CA LEU C 210 -10.00 15.05 -2.02
C LEU C 210 -10.38 16.49 -2.32
N GLU C 211 -9.66 17.11 -3.25
CA GLU C 211 -9.85 18.53 -3.54
C GLU C 211 -11.17 18.82 -4.25
N LEU C 212 -11.65 17.87 -5.05
CA LEU C 212 -12.86 18.08 -5.85
C LEU C 212 -14.10 17.52 -5.19
N ALA C 213 -13.93 16.81 -4.07
CA ALA C 213 -15.09 16.29 -3.34
C ALA C 213 -16.14 17.37 -3.01
N PRO C 214 -15.70 18.58 -2.60
CA PRO C 214 -16.68 19.63 -2.25
C PRO C 214 -17.59 20.05 -3.43
N TYR C 215 -17.13 19.77 -4.65
CA TYR C 215 -17.87 20.06 -5.87
C TYR C 215 -18.70 18.86 -6.34
N GLY C 216 -18.65 17.77 -5.57
CA GLY C 216 -19.37 16.55 -5.93
C GLY C 216 -18.79 15.80 -7.11
N ILE C 217 -17.53 16.11 -7.44
CA ILE C 217 -16.83 15.44 -8.54
C ILE C 217 -16.00 14.29 -7.95
N ARG C 218 -16.34 13.06 -8.34
CA ARG C 218 -15.58 11.89 -7.87
C ARG C 218 -14.40 11.65 -8.80
N VAL C 219 -13.31 11.12 -8.25
CA VAL C 219 -12.11 10.88 -9.06
C VAL C 219 -11.57 9.51 -8.67
N ASN C 220 -11.57 8.60 -9.63
CA ASN C 220 -11.21 7.21 -9.39
C ASN C 220 -10.27 6.68 -10.45
N GLY C 221 -9.77 5.47 -10.26
CA GLY C 221 -8.84 4.87 -11.22
C GLY C 221 -9.26 3.45 -11.55
N VAL C 222 -8.89 3.02 -12.76
CA VAL C 222 -8.99 1.63 -13.19
C VAL C 222 -7.58 1.23 -13.56
N ALA C 223 -7.13 0.11 -13.02
CA ALA C 223 -5.74 -0.30 -13.13
C ALA C 223 -5.64 -1.67 -13.82
N PRO C 224 -5.37 -1.69 -15.13
CA PRO C 224 -5.15 -2.98 -15.82
C PRO C 224 -3.81 -3.57 -15.40
N GLY C 225 -3.67 -4.89 -15.56
CA GLY C 225 -2.39 -5.56 -15.36
C GLY C 225 -1.83 -5.80 -16.74
N VAL C 226 -2.33 -6.85 -17.37
CA VAL C 226 -2.12 -7.04 -18.81
C VAL C 226 -3.48 -7.12 -19.51
N SER C 227 -3.67 -6.23 -20.47
CA SER C 227 -4.84 -6.21 -21.32
C SER C 227 -4.26 -6.35 -22.71
N LEU C 228 -4.79 -5.60 -23.68
CA LEU C 228 -4.34 -5.72 -25.07
C LEU C 228 -2.83 -5.52 -25.17
N LEU C 229 -2.16 -6.50 -25.76
CA LEU C 229 -0.70 -6.46 -25.87
C LEU C 229 -0.29 -5.49 -27.00
N PRO C 230 0.93 -4.92 -26.91
CA PRO C 230 1.36 -4.00 -27.98
C PRO C 230 1.32 -4.69 -29.35
N VAL C 231 0.92 -3.93 -30.38
CA VAL C 231 0.79 -4.46 -31.74
C VAL C 231 2.12 -4.95 -32.33
N ALA C 232 3.22 -4.29 -31.94
CA ALA C 232 4.55 -4.64 -32.40
C ALA C 232 5.16 -5.84 -31.66
N MET C 233 4.45 -6.38 -30.67
CA MET C 233 4.96 -7.50 -29.89
C MET C 233 4.72 -8.82 -30.60
N GLY C 234 5.77 -9.65 -30.65
CA GLY C 234 5.69 -10.98 -31.24
C GLY C 234 4.73 -11.88 -30.49
N GLU C 235 4.13 -12.81 -31.21
CA GLU C 235 3.14 -13.73 -30.64
C GLU C 235 3.70 -14.59 -29.50
N GLU C 236 4.96 -15.01 -29.65
CA GLU C 236 5.64 -15.81 -28.63
C GLU C 236 5.79 -15.05 -27.32
N GLU C 237 6.16 -13.77 -27.42
CA GLU C 237 6.29 -12.95 -26.23
C GLU C 237 4.93 -12.65 -25.59
N LYS C 238 3.91 -12.44 -26.43
CA LYS C 238 2.54 -12.25 -25.92
C LYS C 238 2.11 -13.43 -25.04
N ASP C 239 2.39 -14.64 -25.50
CA ASP C 239 2.00 -15.84 -24.74
C ASP C 239 2.71 -15.92 -23.40
N LYS C 240 3.99 -15.55 -23.39
CA LYS C 240 4.79 -15.50 -22.16
C LYS C 240 4.09 -14.62 -21.10
N TRP C 241 3.65 -13.44 -21.50
CA TRP C 241 3.00 -12.50 -20.57
C TRP C 241 1.59 -12.95 -20.16
N ARG C 242 0.81 -13.43 -21.13
CA ARG C 242 -0.51 -14.01 -20.86
C ARG C 242 -0.49 -15.11 -19.82
N ARG C 243 0.51 -16.00 -19.89
CA ARG C 243 0.58 -17.17 -19.01
C ARG C 243 0.84 -16.83 -17.55
N LYS C 244 1.20 -15.57 -17.29
CA LYS C 244 1.46 -15.12 -15.92
C LYS C 244 0.21 -14.77 -15.11
N VAL C 245 -0.91 -14.59 -15.80
CA VAL C 245 -2.18 -14.17 -15.19
C VAL C 245 -2.89 -15.36 -14.54
N PRO C 246 -3.03 -15.33 -13.20
CA PRO C 246 -3.68 -16.47 -12.51
C PRO C 246 -5.10 -16.77 -12.99
N LEU C 247 -5.90 -15.73 -13.18
CA LEU C 247 -7.29 -15.95 -13.57
C LEU C 247 -7.40 -16.14 -15.09
N GLY C 248 -7.27 -17.39 -15.54
CA GLY C 248 -7.53 -17.73 -16.94
C GLY C 248 -6.33 -17.71 -17.86
N ARG C 249 -5.17 -17.28 -17.36
CA ARG C 249 -3.93 -17.30 -18.16
C ARG C 249 -4.09 -16.56 -19.49
N ARG C 250 -4.76 -15.42 -19.42
CA ARG C 250 -5.06 -14.59 -20.58
C ARG C 250 -5.11 -13.14 -20.15
N GLU C 251 -4.96 -12.25 -21.12
CA GLU C 251 -5.07 -10.82 -20.88
C GLU C 251 -6.55 -10.39 -20.78
N ALA C 252 -6.78 -9.25 -20.16
CA ALA C 252 -8.11 -8.63 -20.16
C ALA C 252 -8.46 -8.14 -21.56
N SER C 253 -9.71 -8.33 -21.96
CA SER C 253 -10.18 -7.66 -23.15
C SER C 253 -10.37 -6.17 -22.84
N ALA C 254 -10.41 -5.36 -23.90
CA ALA C 254 -10.66 -3.93 -23.72
C ALA C 254 -12.01 -3.73 -23.03
N GLU C 255 -12.99 -4.56 -23.42
CA GLU C 255 -14.33 -4.48 -22.85
C GLU C 255 -14.33 -4.71 -21.33
N GLN C 256 -13.49 -5.63 -20.87
CA GLN C 256 -13.44 -5.92 -19.44
C GLN C 256 -12.89 -4.73 -18.67
N ILE C 257 -11.89 -4.06 -19.25
CA ILE C 257 -11.39 -2.83 -18.65
C ILE C 257 -12.51 -1.77 -18.65
N ALA C 258 -13.19 -1.62 -19.80
CA ALA C 258 -14.27 -0.65 -19.94
C ALA C 258 -15.39 -0.87 -18.91
N ASP C 259 -15.66 -2.15 -18.60
CA ASP C 259 -16.71 -2.50 -17.63
C ASP C 259 -16.45 -1.80 -16.28
N ALA C 260 -15.19 -1.73 -15.85
CA ALA C 260 -14.88 -1.13 -14.54
C ALA C 260 -15.03 0.39 -14.61
N VAL C 261 -14.68 0.97 -15.75
CA VAL C 261 -14.89 2.40 -15.98
C VAL C 261 -16.38 2.72 -15.88
N ILE C 262 -17.20 1.94 -16.57
CA ILE C 262 -18.66 2.12 -16.55
C ILE C 262 -19.23 2.06 -15.15
N PHE C 263 -18.76 1.08 -14.35
CA PHE C 263 -19.19 0.98 -12.96
C PHE C 263 -18.86 2.27 -12.21
N LEU C 264 -17.62 2.75 -12.34
CA LEU C 264 -17.14 3.93 -11.59
C LEU C 264 -17.91 5.21 -11.91
N VAL C 265 -18.30 5.37 -13.16
CA VAL C 265 -19.06 6.57 -13.55
C VAL C 265 -20.56 6.47 -13.21
N SER C 266 -21.03 5.25 -12.91
CA SER C 266 -22.46 4.98 -12.72
C SER C 266 -22.99 5.42 -11.36
N GLY C 267 -24.32 5.46 -11.23
CA GLY C 267 -24.98 5.74 -9.96
C GLY C 267 -24.67 4.71 -8.88
N SER C 268 -24.22 3.53 -9.30
CA SER C 268 -23.84 2.45 -8.38
C SER C 268 -22.52 2.71 -7.66
N ALA C 269 -21.85 3.81 -8.02
CA ALA C 269 -20.55 4.12 -7.45
C ALA C 269 -20.55 5.51 -6.83
N GLN C 270 -21.73 6.02 -6.49
CA GLN C 270 -21.83 7.44 -6.10
C GLN C 270 -21.19 7.81 -4.76
N TYR C 271 -20.81 6.81 -3.97
CA TYR C 271 -20.04 7.07 -2.74
C TYR C 271 -18.55 6.75 -2.91
N ILE C 272 -18.16 6.32 -4.11
CA ILE C 272 -16.80 5.88 -4.36
C ILE C 272 -15.98 7.03 -4.93
N THR C 273 -14.94 7.42 -4.20
CA THR C 273 -13.99 8.40 -4.72
C THR C 273 -12.61 8.15 -4.12
N GLY C 274 -11.59 8.34 -4.96
CA GLY C 274 -10.22 8.10 -4.56
C GLY C 274 -9.85 6.64 -4.60
N SER C 275 -10.71 5.82 -5.18
CA SER C 275 -10.47 4.37 -5.29
C SER C 275 -9.88 3.99 -6.63
N ILE C 276 -8.92 3.06 -6.60
CA ILE C 276 -8.32 2.56 -7.81
C ILE C 276 -8.57 1.06 -7.89
N ILE C 277 -9.40 0.67 -8.86
CA ILE C 277 -9.82 -0.72 -8.96
C ILE C 277 -8.89 -1.48 -9.91
N LYS C 278 -8.18 -2.48 -9.39
CA LYS C 278 -7.36 -3.35 -10.25
C LYS C 278 -8.28 -4.24 -11.06
N VAL C 279 -8.01 -4.34 -12.35
CA VAL C 279 -8.72 -5.28 -13.22
C VAL C 279 -7.61 -6.08 -13.88
N ASP C 280 -7.04 -7.03 -13.11
CA ASP C 280 -5.77 -7.63 -13.49
C ASP C 280 -5.72 -9.15 -13.37
N GLY C 281 -6.86 -9.78 -13.07
CA GLY C 281 -6.92 -11.26 -12.98
C GLY C 281 -5.96 -11.82 -11.94
N GLY C 282 -5.62 -11.01 -10.94
CA GLY C 282 -4.69 -11.41 -9.87
C GLY C 282 -3.22 -11.18 -10.15
N LEU C 283 -2.88 -10.61 -11.32
CA LEU C 283 -1.49 -10.50 -11.76
C LEU C 283 -0.57 -9.85 -10.74
N SER C 284 -1.06 -8.75 -10.15
CA SER C 284 -0.28 -7.95 -9.19
C SER C 284 0.04 -8.71 -7.89
N LEU C 285 -0.68 -9.80 -7.65
CA LEU C 285 -0.45 -10.60 -6.45
C LEU C 285 0.59 -11.71 -6.64
N VAL C 286 1.08 -11.88 -7.86
CA VAL C 286 1.96 -13.00 -8.15
C VAL C 286 3.41 -12.63 -7.86
N HIS C 287 4.06 -13.40 -7.00
CA HIS C 287 5.48 -13.14 -6.69
C HIS C 287 6.41 -13.58 -7.84
N ALA C 288 7.67 -13.17 -7.75
CA ALA C 288 8.71 -13.54 -8.73
C ALA C 288 8.83 -15.05 -8.94
N GLU D 22 -32.18 -22.06 -13.94
CA GLU D 22 -32.01 -22.15 -12.46
C GLU D 22 -31.27 -20.94 -11.90
N ALA D 23 -31.81 -20.37 -10.82
CA ALA D 23 -31.25 -19.19 -10.19
C ALA D 23 -30.01 -19.55 -9.37
N PRO D 24 -28.97 -18.71 -9.43
CA PRO D 24 -27.78 -18.94 -8.59
C PRO D 24 -28.15 -18.74 -7.13
N ALA D 25 -27.22 -19.09 -6.23
CA ALA D 25 -27.46 -19.02 -4.79
C ALA D 25 -26.27 -18.37 -4.09
N ALA D 26 -26.58 -17.57 -3.06
CA ALA D 26 -25.54 -16.87 -2.30
C ALA D 26 -25.71 -17.06 -0.80
N VAL D 27 -24.59 -17.17 -0.08
CA VAL D 27 -24.56 -17.13 1.38
C VAL D 27 -24.10 -15.73 1.77
N VAL D 28 -24.86 -15.07 2.66
CA VAL D 28 -24.40 -13.80 3.22
C VAL D 28 -24.34 -13.97 4.72
N THR D 29 -23.15 -13.83 5.31
CA THR D 29 -23.08 -13.93 6.78
C THR D 29 -23.48 -12.60 7.46
N GLY D 30 -24.05 -12.70 8.66
CA GLY D 30 -24.52 -11.51 9.38
C GLY D 30 -25.48 -10.70 8.52
N ALA D 31 -26.46 -11.39 7.96
CA ALA D 31 -27.35 -10.81 6.95
C ALA D 31 -28.67 -10.25 7.49
N ALA D 32 -28.90 -10.33 8.80
CA ALA D 32 -30.22 -9.91 9.34
C ALA D 32 -30.36 -8.40 9.42
N LYS D 33 -29.23 -7.70 9.53
CA LYS D 33 -29.24 -6.28 9.78
C LYS D 33 -28.24 -5.49 8.93
N ARG D 34 -28.48 -4.17 8.89
CA ARG D 34 -27.51 -3.21 8.39
CA ARG D 34 -27.52 -3.19 8.36
C ARG D 34 -26.93 -3.58 7.01
N ILE D 35 -25.60 -3.58 6.88
CA ILE D 35 -24.99 -3.82 5.57
C ILE D 35 -25.28 -5.23 5.00
N GLY D 36 -25.16 -6.27 5.84
CA GLY D 36 -25.43 -7.64 5.37
C GLY D 36 -26.85 -7.79 4.82
N ARG D 37 -27.80 -7.17 5.51
CA ARG D 37 -29.20 -7.20 5.06
C ARG D 37 -29.33 -6.58 3.68
N ALA D 38 -28.73 -5.40 3.50
CA ALA D 38 -28.81 -4.71 2.22
C ALA D 38 -28.18 -5.51 1.08
N ILE D 39 -27.07 -6.19 1.39
CA ILE D 39 -26.42 -7.07 0.43
C ILE D 39 -27.36 -8.21 0.07
N ALA D 40 -27.96 -8.84 1.08
CA ALA D 40 -28.88 -9.95 0.85
C ALA D 40 -30.03 -9.49 -0.04
N VAL D 41 -30.61 -8.33 0.29
CA VAL D 41 -31.72 -7.78 -0.47
C VAL D 41 -31.33 -7.55 -1.93
N LYS D 42 -30.18 -6.92 -2.15
CA LYS D 42 -29.76 -6.63 -3.52
C LYS D 42 -29.43 -7.87 -4.32
N LEU D 43 -28.75 -8.86 -3.71
CA LEU D 43 -28.51 -10.14 -4.39
C LEU D 43 -29.82 -10.78 -4.79
N HIS D 44 -30.78 -10.79 -3.87
CA HIS D 44 -32.08 -11.38 -4.15
C HIS D 44 -32.75 -10.65 -5.32
N GLN D 45 -32.74 -9.32 -5.28
CA GLN D 45 -33.31 -8.51 -6.38
C GLN D 45 -32.65 -8.77 -7.73
N THR D 46 -31.36 -9.12 -7.70
CA THR D 46 -30.57 -9.46 -8.88
C THR D 46 -30.92 -10.87 -9.41
N GLY D 47 -31.60 -11.67 -8.58
CA GLY D 47 -32.07 -12.99 -8.99
C GLY D 47 -31.47 -14.15 -8.22
N TYR D 48 -30.67 -13.84 -7.19
CA TYR D 48 -30.10 -14.88 -6.34
C TYR D 48 -31.11 -15.43 -5.34
N ARG D 49 -30.98 -16.73 -5.05
CA ARG D 49 -31.58 -17.34 -3.86
C ARG D 49 -30.56 -17.10 -2.76
N VAL D 50 -31.00 -16.85 -1.52
CA VAL D 50 -30.07 -16.43 -0.47
CA VAL D 50 -30.09 -16.40 -0.47
C VAL D 50 -30.20 -17.20 0.83
N VAL D 51 -29.04 -17.54 1.41
CA VAL D 51 -28.96 -18.03 2.78
C VAL D 51 -28.64 -16.82 3.64
N ILE D 52 -29.55 -16.51 4.55
CA ILE D 52 -29.43 -15.40 5.48
C ILE D 52 -28.85 -15.96 6.76
N HIS D 53 -27.53 -15.84 6.92
CA HIS D 53 -26.95 -16.27 8.17
C HIS D 53 -27.09 -15.17 9.22
N TYR D 54 -27.28 -15.58 10.48
CA TYR D 54 -27.37 -14.65 11.58
C TYR D 54 -26.82 -15.33 12.82
N HIS D 55 -26.57 -14.54 13.85
CA HIS D 55 -26.11 -15.09 15.12
C HIS D 55 -27.19 -14.89 16.17
N ASN D 56 -27.37 -13.65 16.61
CA ASN D 56 -28.37 -13.29 17.63
C ASN D 56 -29.68 -12.76 17.05
N SER D 57 -29.63 -12.22 15.84
CA SER D 57 -30.79 -11.49 15.30
C SER D 57 -31.81 -12.39 14.61
N ALA D 58 -32.40 -13.29 15.40
CA ALA D 58 -33.33 -14.30 14.88
C ALA D 58 -34.58 -13.70 14.23
N GLU D 59 -35.25 -12.81 14.98
CA GLU D 59 -36.47 -12.17 14.50
C GLU D 59 -36.26 -11.40 13.19
N ALA D 60 -35.17 -10.63 13.13
CA ALA D 60 -34.82 -9.88 11.92
C ALA D 60 -34.50 -10.80 10.73
N ALA D 61 -33.79 -11.89 11.00
CA ALA D 61 -33.42 -12.85 9.95
C ALA D 61 -34.67 -13.52 9.38
N VAL D 62 -35.54 -13.99 10.26
CA VAL D 62 -36.80 -14.63 9.84
C VAL D 62 -37.70 -13.65 9.08
N SER D 63 -37.77 -12.40 9.55
CA SER D 63 -38.55 -11.34 8.90
C SER D 63 -38.04 -11.01 7.49
N LEU D 64 -36.72 -10.94 7.35
CA LEU D 64 -36.09 -10.77 6.03
C LEU D 64 -36.42 -11.94 5.10
N ALA D 65 -36.27 -13.16 5.60
CA ALA D 65 -36.58 -14.35 4.80
C ALA D 65 -38.04 -14.34 4.34
N ASP D 66 -38.95 -13.96 5.23
CA ASP D 66 -40.38 -13.79 4.89
C ASP D 66 -40.58 -12.76 3.77
N GLU D 67 -39.93 -11.60 3.91
CA GLU D 67 -40.01 -10.54 2.91
C GLU D 67 -39.56 -11.04 1.52
N LEU D 68 -38.40 -11.71 1.48
CA LEU D 68 -37.85 -12.21 0.22
C LEU D 68 -38.68 -13.35 -0.39
N ASN D 69 -39.16 -14.25 0.46
CA ASN D 69 -39.98 -15.38 -0.02
C ASN D 69 -41.35 -14.95 -0.54
N LYS D 70 -41.85 -13.85 0.00
CA LYS D 70 -43.12 -13.28 -0.47
C LYS D 70 -42.95 -12.74 -1.88
N GLU D 71 -41.76 -12.25 -2.20
CA GLU D 71 -41.44 -11.76 -3.53
C GLU D 71 -41.29 -12.92 -4.53
N ARG D 72 -40.52 -13.94 -4.14
CA ARG D 72 -40.35 -15.18 -4.91
C ARG D 72 -40.28 -16.35 -3.94
N SER D 73 -41.26 -17.25 -3.99
CA SER D 73 -41.35 -18.39 -3.07
CA SER D 73 -41.32 -18.36 -3.03
CA SER D 73 -41.34 -18.38 -3.07
C SER D 73 -40.09 -19.25 -3.12
N ASN D 74 -39.69 -19.78 -1.96
CA ASN D 74 -38.57 -20.71 -1.83
C ASN D 74 -37.23 -20.17 -2.32
N THR D 75 -36.97 -18.90 -2.08
CA THR D 75 -35.70 -18.31 -2.53
C THR D 75 -34.85 -17.77 -1.37
N ALA D 76 -35.34 -17.93 -0.15
CA ALA D 76 -34.56 -17.51 1.04
C ALA D 76 -34.74 -18.48 2.21
N VAL D 77 -33.63 -18.77 2.90
CA VAL D 77 -33.64 -19.52 4.14
C VAL D 77 -32.71 -18.83 5.14
N VAL D 78 -32.99 -19.01 6.43
CA VAL D 78 -32.07 -18.55 7.47
C VAL D 78 -31.15 -19.70 7.92
N CYS D 79 -30.01 -19.32 8.50
CA CYS D 79 -29.05 -20.28 9.03
C CYS D 79 -28.35 -19.64 10.24
N GLN D 80 -28.57 -20.19 11.42
CA GLN D 80 -27.98 -19.60 12.63
C GLN D 80 -26.61 -20.19 12.92
N ALA D 81 -25.65 -19.33 13.28
CA ALA D 81 -24.34 -19.81 13.73
C ALA D 81 -23.55 -18.75 14.46
N ASP D 82 -22.89 -19.17 15.53
CA ASP D 82 -21.85 -18.37 16.16
C ASP D 82 -20.55 -18.58 15.38
N LEU D 83 -19.92 -17.48 14.96
CA LEU D 83 -18.67 -17.57 14.19
C LEU D 83 -17.43 -17.19 15.01
N THR D 84 -17.57 -17.21 16.34
CA THR D 84 -16.44 -17.09 17.23
C THR D 84 -15.50 -18.27 16.97
N ASN D 85 -14.19 -18.05 17.07
CA ASN D 85 -13.26 -19.17 16.95
C ASN D 85 -13.40 -20.18 18.08
N SER D 86 -13.40 -21.46 17.70
CA SER D 86 -13.42 -22.58 18.64
C SER D 86 -13.09 -23.84 17.86
N ASN D 87 -12.91 -24.97 18.54
CA ASN D 87 -12.63 -26.23 17.83
C ASN D 87 -13.79 -26.74 16.98
N VAL D 88 -14.99 -26.20 17.15
N VAL D 88 -14.96 -26.11 17.12
CA VAL D 88 -16.11 -26.58 16.28
CA VAL D 88 -16.16 -26.51 16.39
C VAL D 88 -16.40 -25.56 15.18
C VAL D 88 -16.45 -25.53 15.24
N LEU D 89 -15.70 -24.43 15.19
CA LEU D 89 -15.88 -23.44 14.10
C LEU D 89 -15.81 -24.05 12.67
N PRO D 90 -14.81 -24.92 12.39
CA PRO D 90 -14.84 -25.55 11.06
C PRO D 90 -16.15 -26.28 10.74
N ALA D 91 -16.69 -27.03 11.72
CA ALA D 91 -17.98 -27.70 11.53
C ALA D 91 -19.11 -26.71 11.27
N SER D 92 -19.16 -25.62 12.04
CA SER D 92 -20.19 -24.59 11.84
C SER D 92 -20.12 -23.93 10.46
N CYS D 93 -18.89 -23.65 10.00
CA CYS D 93 -18.70 -23.03 8.69
C CYS D 93 -19.08 -24.01 7.58
N GLU D 94 -18.67 -25.27 7.71
CA GLU D 94 -19.06 -26.30 6.77
CA GLU D 94 -19.06 -26.32 6.78
C GLU D 94 -20.59 -26.41 6.70
N GLU D 95 -21.23 -26.25 7.85
CA GLU D 95 -22.68 -26.38 7.92
C GLU D 95 -23.41 -25.21 7.27
N ILE D 96 -22.85 -24.01 7.35
CA ILE D 96 -23.43 -22.86 6.66
C ILE D 96 -23.43 -23.09 5.15
N ILE D 97 -22.30 -23.57 4.62
CA ILE D 97 -22.21 -23.85 3.18
C ILE D 97 -23.14 -25.02 2.81
N ASN D 98 -23.14 -26.06 3.64
CA ASN D 98 -24.07 -27.18 3.47
C ASN D 98 -25.53 -26.76 3.41
N SER D 99 -25.90 -25.75 4.20
CA SER D 99 -27.27 -25.27 4.25
CA SER D 99 -27.26 -25.26 4.25
C SER D 99 -27.69 -24.62 2.93
N CYS D 100 -26.73 -23.98 2.25
CA CYS D 100 -26.98 -23.44 0.92
C CYS D 100 -27.25 -24.55 -0.08
N PHE D 101 -26.43 -25.60 -0.08
CA PHE D 101 -26.66 -26.74 -0.98
C PHE D 101 -27.95 -27.49 -0.65
N ARG D 102 -28.27 -27.58 0.64
CA ARG D 102 -29.45 -28.31 1.08
C ARG D 102 -30.72 -27.59 0.58
N ALA D 103 -30.71 -26.26 0.67
CA ALA D 103 -31.86 -25.47 0.27
C ALA D 103 -31.95 -25.33 -1.26
N PHE D 104 -30.80 -25.08 -1.90
CA PHE D 104 -30.77 -24.58 -3.28
C PHE D 104 -29.98 -25.44 -4.29
N GLY D 105 -29.26 -26.44 -3.80
CA GLY D 105 -28.54 -27.40 -4.65
C GLY D 105 -27.27 -26.87 -5.29
N ARG D 106 -26.85 -25.68 -4.87
CA ARG D 106 -25.67 -25.00 -5.41
C ARG D 106 -25.30 -23.85 -4.49
N CYS D 107 -24.09 -23.34 -4.66
CA CYS D 107 -23.62 -22.18 -3.90
C CYS D 107 -22.62 -21.44 -4.77
N ASP D 108 -23.06 -20.30 -5.30
CA ASP D 108 -22.30 -19.55 -6.29
C ASP D 108 -21.52 -18.38 -5.72
N VAL D 109 -22.05 -17.80 -4.64
CA VAL D 109 -21.49 -16.59 -4.05
C VAL D 109 -21.43 -16.72 -2.54
N LEU D 110 -20.32 -16.29 -1.96
CA LEU D 110 -20.18 -16.22 -0.50
C LEU D 110 -19.79 -14.80 -0.17
N VAL D 111 -20.55 -14.17 0.73
CA VAL D 111 -20.22 -12.82 1.23
C VAL D 111 -19.88 -12.91 2.71
N ASN D 112 -18.61 -12.66 3.02
CA ASN D 112 -18.15 -12.69 4.42
C ASN D 112 -18.34 -11.30 5.03
N ASN D 113 -19.49 -11.13 5.66
CA ASN D 113 -19.90 -9.85 6.22
C ASN D 113 -19.99 -9.82 7.75
N ALA D 114 -20.33 -10.94 8.39
CA ALA D 114 -20.44 -11.00 9.87
C ALA D 114 -19.14 -10.58 10.55
N SER D 115 -19.28 -9.86 11.66
CA SER D 115 -18.11 -9.27 12.30
C SER D 115 -18.40 -8.79 13.71
N ALA D 116 -17.63 -9.30 14.66
CA ALA D 116 -17.58 -8.72 16.01
C ALA D 116 -16.75 -7.43 15.97
N PHE D 117 -17.14 -6.46 16.78
CA PHE D 117 -16.55 -5.14 16.73
C PHE D 117 -16.71 -4.46 18.08
N TYR D 118 -15.59 -4.26 18.75
CA TYR D 118 -15.54 -3.58 20.05
C TYR D 118 -14.08 -3.35 20.44
N PRO D 119 -13.81 -2.35 21.30
CA PRO D 119 -12.43 -2.10 21.64
C PRO D 119 -11.79 -3.16 22.54
N THR D 120 -10.48 -3.30 22.40
CA THR D 120 -9.67 -4.21 23.18
C THR D 120 -8.36 -3.47 23.53
N PRO D 121 -8.40 -2.59 24.56
CA PRO D 121 -7.20 -1.80 24.91
C PRO D 121 -6.01 -2.67 25.26
N LEU D 122 -4.81 -2.17 24.91
CA LEU D 122 -3.55 -2.87 25.19
C LEU D 122 -3.16 -2.76 26.64
N VAL D 123 -3.53 -1.63 27.26
CA VAL D 123 -3.19 -1.34 28.66
C VAL D 123 -4.45 -1.14 29.51
N GLY D 133 -16.68 -7.64 30.23
CA GLY D 133 -16.45 -8.71 31.19
C GLY D 133 -15.77 -9.94 30.61
N LYS D 134 -15.55 -9.92 29.30
CA LYS D 134 -14.94 -11.04 28.58
C LYS D 134 -13.45 -11.15 28.88
N THR D 135 -12.95 -12.38 28.92
CA THR D 135 -11.51 -12.59 29.05
C THR D 135 -10.83 -12.17 27.72
N VAL D 136 -9.53 -11.93 27.77
CA VAL D 136 -8.81 -11.58 26.54
CA VAL D 136 -8.76 -11.61 26.56
C VAL D 136 -8.86 -12.72 25.51
N GLU D 137 -8.78 -13.98 25.95
CA GLU D 137 -8.87 -15.07 24.95
C GLU D 137 -10.26 -15.15 24.30
N THR D 138 -11.29 -14.77 25.03
CA THR D 138 -12.64 -14.67 24.44
C THR D 138 -12.70 -13.54 23.40
N GLN D 139 -12.07 -12.43 23.73
CA GLN D 139 -11.99 -11.30 22.79
C GLN D 139 -11.22 -11.69 21.53
N VAL D 140 -10.14 -12.41 21.70
CA VAL D 140 -9.37 -12.95 20.58
C VAL D 140 -10.26 -13.90 19.74
N ALA D 141 -10.94 -14.80 20.43
CA ALA D 141 -11.81 -15.76 19.74
C ALA D 141 -12.91 -15.09 18.91
N GLU D 142 -13.56 -14.10 19.50
CA GLU D 142 -14.65 -13.39 18.84
C GLU D 142 -14.16 -12.52 17.70
N LEU D 143 -13.17 -11.68 17.98
CA LEU D 143 -12.73 -10.66 17.00
C LEU D 143 -11.95 -11.28 15.84
N ILE D 144 -11.01 -12.17 16.15
CA ILE D 144 -10.24 -12.87 15.12
C ILE D 144 -11.06 -13.96 14.44
N GLY D 145 -11.90 -14.65 15.22
CA GLY D 145 -12.80 -15.67 14.67
C GLY D 145 -13.75 -15.13 13.61
N THR D 146 -14.53 -14.11 13.96
CA THR D 146 -15.55 -13.57 13.06
C THR D 146 -14.91 -12.88 11.85
N ASN D 147 -13.86 -12.10 12.11
CA ASN D 147 -13.28 -11.28 11.04
C ASN D 147 -12.32 -11.99 10.10
N ALA D 148 -11.72 -13.09 10.58
CA ALA D 148 -10.66 -13.74 9.81
C ALA D 148 -10.79 -15.26 9.71
N ILE D 149 -10.93 -15.94 10.84
CA ILE D 149 -10.89 -17.40 10.78
CA ILE D 149 -10.92 -17.41 10.83
C ILE D 149 -12.17 -17.99 10.13
N ALA D 150 -13.33 -17.44 10.50
CA ALA D 150 -14.57 -17.91 9.89
C ALA D 150 -14.58 -17.67 8.37
N PRO D 151 -14.23 -16.45 7.93
CA PRO D 151 -14.06 -16.27 6.48
C PRO D 151 -13.14 -17.29 5.82
N PHE D 152 -12.02 -17.62 6.48
CA PHE D 152 -11.10 -18.64 5.97
C PHE D 152 -11.78 -20.02 5.86
N LEU D 153 -12.44 -20.44 6.93
CA LEU D 153 -13.09 -21.75 6.95
C LEU D 153 -14.25 -21.81 5.95
N LEU D 154 -15.01 -20.73 5.87
CA LEU D 154 -16.10 -20.64 4.91
C LEU D 154 -15.58 -20.71 3.47
N THR D 155 -14.46 -20.05 3.24
CA THR D 155 -13.79 -20.10 1.93
C THR D 155 -13.37 -21.54 1.58
N MET D 156 -12.77 -22.21 2.56
CA MET D 156 -12.39 -23.61 2.40
CA MET D 156 -12.40 -23.62 2.40
C MET D 156 -13.59 -24.46 2.00
N SER D 157 -14.65 -24.39 2.81
CA SER D 157 -15.84 -25.19 2.56
C SER D 157 -16.50 -24.84 1.23
N PHE D 158 -16.58 -23.54 0.91
CA PHE D 158 -17.14 -23.08 -0.35
C PHE D 158 -16.43 -23.72 -1.54
N ALA D 159 -15.10 -23.65 -1.51
CA ALA D 159 -14.26 -24.15 -2.59
C ALA D 159 -14.37 -25.66 -2.70
N GLN D 160 -14.34 -26.34 -1.55
CA GLN D 160 -14.36 -27.79 -1.48
C GLN D 160 -15.66 -28.36 -2.07
N ARG D 161 -16.77 -27.63 -1.87
CA ARG D 161 -18.09 -28.10 -2.30
C ARG D 161 -18.38 -27.87 -3.80
N GLN D 162 -17.50 -27.13 -4.49
CA GLN D 162 -17.70 -26.90 -5.92
C GLN D 162 -17.32 -28.12 -6.75
N SER D 172 -20.88 -20.59 -15.31
CA SER D 172 -20.86 -20.35 -13.88
C SER D 172 -20.09 -19.05 -13.59
N ASN D 173 -20.47 -18.37 -12.52
CA ASN D 173 -19.75 -17.16 -12.11
C ASN D 173 -19.62 -17.20 -10.59
N LEU D 174 -18.64 -17.99 -10.14
CA LEU D 174 -18.39 -18.23 -8.72
C LEU D 174 -17.51 -17.14 -8.14
N SER D 175 -17.91 -16.56 -7.02
CA SER D 175 -17.02 -15.60 -6.36
C SER D 175 -17.31 -15.42 -4.88
N ILE D 176 -16.31 -14.85 -4.21
CA ILE D 176 -16.39 -14.55 -2.80
C ILE D 176 -16.12 -13.06 -2.64
N VAL D 177 -16.88 -12.41 -1.74
CA VAL D 177 -16.66 -10.99 -1.42
C VAL D 177 -16.50 -10.87 0.09
N ASN D 178 -15.36 -10.31 0.51
CA ASN D 178 -15.06 -10.10 1.93
C ASN D 178 -15.25 -8.65 2.31
N LEU D 179 -15.97 -8.39 3.39
CA LEU D 179 -16.14 -7.02 3.89
C LEU D 179 -14.95 -6.60 4.70
N CYS D 180 -14.12 -5.78 4.07
CA CYS D 180 -12.85 -5.29 4.63
C CYS D 180 -13.06 -3.94 5.32
N ASP D 181 -11.99 -3.19 5.53
CA ASP D 181 -12.10 -1.90 6.22
C ASP D 181 -11.22 -0.91 5.48
N ALA D 182 -11.82 0.16 4.94
CA ALA D 182 -11.04 1.14 4.19
C ALA D 182 -9.98 1.80 5.08
N MET D 183 -10.22 1.80 6.38
CA MET D 183 -9.34 2.46 7.35
C MET D 183 -8.34 1.50 7.98
N VAL D 184 -8.15 0.33 7.36
CA VAL D 184 -7.35 -0.72 8.01
C VAL D 184 -5.90 -0.28 8.29
N ASP D 185 -5.39 0.64 7.48
CA ASP D 185 -4.01 1.13 7.68
C ASP D 185 -3.91 2.47 8.40
N GLN D 186 -5.06 2.92 8.92
CA GLN D 186 -5.13 4.08 9.81
C GLN D 186 -5.97 3.68 11.02
N PRO D 187 -5.38 2.85 11.90
CA PRO D 187 -6.14 2.19 12.96
C PRO D 187 -6.71 3.14 14.00
N CYS D 188 -7.84 2.75 14.59
CA CYS D 188 -8.41 3.51 15.68
C CYS D 188 -7.82 3.06 17.00
N MET D 189 -7.62 4.03 17.88
CA MET D 189 -7.14 3.82 19.22
C MET D 189 -7.95 2.73 19.92
N ALA D 190 -7.24 1.72 20.42
CA ALA D 190 -7.79 0.64 21.28
C ALA D 190 -8.55 -0.47 20.55
N PHE D 191 -8.46 -0.49 19.23
CA PHE D 191 -9.12 -1.53 18.43
C PHE D 191 -8.14 -2.53 17.78
N SER D 192 -7.04 -2.85 18.47
CA SER D 192 -6.01 -3.69 17.85
CA SER D 192 -5.99 -3.72 17.91
C SER D 192 -6.54 -5.04 17.33
N LEU D 193 -7.32 -5.75 18.13
CA LEU D 193 -7.81 -7.07 17.66
C LEU D 193 -8.75 -7.01 16.47
N TYR D 194 -9.70 -6.06 16.47
CA TYR D 194 -10.53 -5.83 15.29
C TYR D 194 -9.63 -5.51 14.09
N ASN D 195 -8.66 -4.61 14.28
CA ASN D 195 -7.77 -4.23 13.19
C ASN D 195 -6.93 -5.39 12.66
N MET D 196 -6.42 -6.21 13.58
CA MET D 196 -5.67 -7.41 13.21
C MET D 196 -6.58 -8.35 12.40
N GLY D 197 -7.83 -8.51 12.85
CA GLY D 197 -8.78 -9.38 12.13
C GLY D 197 -9.02 -8.90 10.70
N LYS D 198 -9.26 -7.60 10.55
CA LYS D 198 -9.49 -7.02 9.21
C LYS D 198 -8.22 -7.03 8.35
N HIS D 199 -7.06 -6.88 8.97
CA HIS D 199 -5.81 -7.00 8.22
C HIS D 199 -5.63 -8.45 7.71
N ALA D 200 -5.88 -9.42 8.59
CA ALA D 200 -5.84 -10.83 8.19
C ALA D 200 -6.78 -11.10 7.04
N LEU D 201 -7.94 -10.43 7.05
CA LEU D 201 -8.95 -10.62 5.99
C LEU D 201 -8.42 -10.16 4.62
N VAL D 202 -7.64 -9.08 4.61
CA VAL D 202 -6.95 -8.63 3.39
C VAL D 202 -6.04 -9.75 2.88
N GLY D 203 -5.25 -10.30 3.80
CA GLY D 203 -4.37 -11.44 3.47
C GLY D 203 -5.13 -12.62 2.88
N LEU D 204 -6.26 -12.97 3.50
CA LEU D 204 -7.12 -14.05 2.99
C LEU D 204 -7.66 -13.76 1.59
N THR D 205 -8.13 -12.52 1.39
CA THR D 205 -8.69 -12.10 0.11
C THR D 205 -7.66 -12.31 -0.99
N GLN D 206 -6.44 -11.84 -0.76
CA GLN D 206 -5.38 -11.97 -1.75
C GLN D 206 -4.88 -13.42 -1.93
N SER D 207 -4.66 -14.11 -0.81
CA SER D 207 -4.22 -15.50 -0.83
C SER D 207 -5.22 -16.40 -1.57
N ALA D 208 -6.49 -16.28 -1.19
CA ALA D 208 -7.55 -17.10 -1.80
C ALA D 208 -7.78 -16.73 -3.27
N ALA D 209 -7.64 -15.45 -3.63
CA ALA D 209 -7.75 -15.06 -5.05
C ALA D 209 -6.76 -15.86 -5.90
N LEU D 210 -5.50 -15.93 -5.46
CA LEU D 210 -4.50 -16.68 -6.25
C LEU D 210 -4.74 -18.19 -6.21
N GLU D 211 -5.02 -18.69 -5.01
CA GLU D 211 -5.16 -20.14 -4.82
C GLU D 211 -6.39 -20.73 -5.52
N LEU D 212 -7.45 -19.93 -5.61
CA LEU D 212 -8.71 -20.40 -6.19
C LEU D 212 -8.90 -19.98 -7.65
N ALA D 213 -8.03 -19.10 -8.16
CA ALA D 213 -8.03 -18.75 -9.59
C ALA D 213 -8.15 -19.96 -10.54
N PRO D 214 -7.36 -21.04 -10.33
CA PRO D 214 -7.44 -22.22 -11.21
C PRO D 214 -8.83 -22.87 -11.29
N TYR D 215 -9.65 -22.64 -10.27
CA TYR D 215 -11.02 -23.20 -10.19
C TYR D 215 -12.08 -22.20 -10.67
N GLY D 216 -11.63 -21.04 -11.13
CA GLY D 216 -12.54 -19.99 -11.63
C GLY D 216 -13.32 -19.26 -10.55
N ILE D 217 -12.86 -19.34 -9.31
CA ILE D 217 -13.51 -18.65 -8.20
C ILE D 217 -12.74 -17.36 -7.98
N ARG D 218 -13.42 -16.23 -8.17
CA ARG D 218 -12.80 -14.92 -7.88
C ARG D 218 -13.01 -14.57 -6.41
N VAL D 219 -12.07 -13.81 -5.86
CA VAL D 219 -12.17 -13.43 -4.45
C VAL D 219 -11.76 -11.98 -4.32
N ASN D 220 -12.71 -11.15 -3.88
CA ASN D 220 -12.50 -9.71 -3.84
C ASN D 220 -12.99 -9.14 -2.53
N GLY D 221 -12.77 -7.86 -2.32
CA GLY D 221 -13.21 -7.20 -1.10
C GLY D 221 -13.95 -5.90 -1.36
N VAL D 222 -14.78 -5.53 -0.40
CA VAL D 222 -15.41 -4.21 -0.39
C VAL D 222 -15.06 -3.61 0.96
N ALA D 223 -14.54 -2.38 0.93
CA ALA D 223 -14.00 -1.77 2.13
C ALA D 223 -14.71 -0.46 2.50
N PRO D 224 -15.70 -0.53 3.40
CA PRO D 224 -16.37 0.69 3.83
C PRO D 224 -15.49 1.57 4.71
N GLY D 225 -15.82 2.87 4.77
CA GLY D 225 -15.15 3.81 5.66
C GLY D 225 -16.04 3.99 6.86
N VAL D 226 -17.09 4.76 6.67
CA VAL D 226 -18.19 4.79 7.62
C VAL D 226 -19.53 4.73 6.90
N SER D 227 -20.39 3.85 7.41
CA SER D 227 -21.70 3.63 6.86
C SER D 227 -22.72 4.07 7.93
N LEU D 228 -24.00 4.09 7.57
N LEU D 228 -24.01 4.06 7.58
CA LEU D 228 -25.02 4.72 8.41
CA LEU D 228 -25.13 4.31 8.49
C LEU D 228 -24.90 4.35 9.87
C LEU D 228 -24.79 4.23 9.99
N LEU D 229 -24.64 5.38 10.66
CA LEU D 229 -24.34 5.30 12.09
C LEU D 229 -25.63 5.03 12.84
N PRO D 230 -25.55 4.25 13.93
CA PRO D 230 -26.73 3.95 14.74
C PRO D 230 -27.42 5.24 15.19
N VAL D 231 -28.73 5.30 14.97
CA VAL D 231 -29.56 6.44 15.38
C VAL D 231 -29.36 6.79 16.87
N ALA D 232 -29.00 5.78 17.66
CA ALA D 232 -28.79 5.93 19.10
C ALA D 232 -27.50 6.65 19.48
N MET D 233 -26.50 6.63 18.60
CA MET D 233 -25.25 7.36 18.84
C MET D 233 -25.57 8.86 19.00
N GLY D 234 -24.83 9.54 19.87
CA GLY D 234 -25.07 10.96 20.13
C GLY D 234 -24.96 11.81 18.88
N GLU D 235 -25.80 12.84 18.79
CA GLU D 235 -25.78 13.77 17.65
C GLU D 235 -24.40 14.42 17.45
N GLU D 236 -23.77 14.88 18.52
CA GLU D 236 -22.42 15.45 18.45
C GLU D 236 -21.42 14.48 17.84
N GLU D 237 -21.42 13.23 18.32
CA GLU D 237 -20.47 12.22 17.87
C GLU D 237 -20.74 11.77 16.43
N LYS D 238 -22.01 11.67 16.05
CA LYS D 238 -22.37 11.34 14.66
C LYS D 238 -21.86 12.43 13.72
N ASP D 239 -22.06 13.68 14.12
CA ASP D 239 -21.60 14.84 13.36
C ASP D 239 -20.09 14.80 13.24
N LYS D 240 -19.41 14.52 14.36
CA LYS D 240 -17.95 14.41 14.39
C LYS D 240 -17.42 13.45 13.33
N TRP D 241 -18.00 12.27 13.25
CA TRP D 241 -17.49 11.27 12.31
C TRP D 241 -17.97 11.52 10.87
N ARG D 242 -19.23 11.93 10.72
CA ARG D 242 -19.77 12.29 9.40
C ARG D 242 -19.00 13.42 8.73
N ARG D 243 -18.64 14.44 9.50
CA ARG D 243 -17.97 15.63 8.93
C ARG D 243 -16.58 15.34 8.38
N LYS D 244 -16.04 14.18 8.74
CA LYS D 244 -14.70 13.80 8.27
C LYS D 244 -14.70 13.32 6.82
N VAL D 245 -15.86 12.92 6.33
CA VAL D 245 -16.00 12.36 5.00
C VAL D 245 -16.00 13.45 3.91
N PRO D 246 -14.96 13.48 3.04
CA PRO D 246 -14.89 14.50 1.99
C PRO D 246 -16.12 14.56 1.08
N LEU D 247 -16.60 13.40 0.65
CA LEU D 247 -17.67 13.35 -0.33
C LEU D 247 -19.04 13.40 0.36
N GLY D 248 -19.56 14.62 0.50
CA GLY D 248 -20.90 14.81 1.06
C GLY D 248 -20.98 14.99 2.56
N ARG D 249 -19.85 14.83 3.27
CA ARG D 249 -19.84 14.96 4.75
C ARG D 249 -20.93 14.10 5.40
N ARG D 250 -21.07 12.88 4.88
CA ARG D 250 -22.07 11.93 5.37
C ARG D 250 -21.55 10.51 5.21
N GLU D 251 -22.15 9.59 5.97
CA GLU D 251 -21.82 8.17 5.87
CA GLU D 251 -21.82 8.17 5.89
C GLU D 251 -22.45 7.55 4.64
N ALA D 252 -21.92 6.40 4.22
CA ALA D 252 -22.51 5.62 3.14
C ALA D 252 -23.81 5.05 3.64
N SER D 253 -24.78 4.89 2.74
CA SER D 253 -25.91 4.02 3.06
C SER D 253 -25.47 2.56 2.94
N ALA D 254 -26.22 1.65 3.58
CA ALA D 254 -25.95 0.22 3.42
C ALA D 254 -26.07 -0.17 1.95
N GLU D 255 -27.02 0.44 1.25
CA GLU D 255 -27.26 0.14 -0.17
C GLU D 255 -26.07 0.50 -1.05
N GLN D 256 -25.39 1.60 -0.71
CA GLN D 256 -24.20 2.00 -1.48
C GLN D 256 -23.08 0.99 -1.31
N ILE D 257 -22.96 0.43 -0.10
CA ILE D 257 -21.99 -0.65 0.12
C ILE D 257 -22.36 -1.89 -0.70
N ALA D 258 -23.64 -2.27 -0.62
CA ALA D 258 -24.18 -3.41 -1.38
C ALA D 258 -23.94 -3.27 -2.89
N ASP D 259 -24.06 -2.05 -3.41
CA ASP D 259 -23.85 -1.80 -4.85
C ASP D 259 -22.47 -2.31 -5.32
N ALA D 260 -21.46 -2.12 -4.48
CA ALA D 260 -20.10 -2.54 -4.84
C ALA D 260 -19.98 -4.05 -4.79
N VAL D 261 -20.63 -4.67 -3.79
CA VAL D 261 -20.71 -6.14 -3.76
C VAL D 261 -21.40 -6.70 -5.02
N ILE D 262 -22.53 -6.12 -5.39
CA ILE D 262 -23.25 -6.52 -6.60
C ILE D 262 -22.35 -6.44 -7.85
N PHE D 263 -21.61 -5.33 -7.98
CA PHE D 263 -20.68 -5.19 -9.09
C PHE D 263 -19.67 -6.34 -9.10
N LEU D 264 -19.02 -6.58 -7.96
CA LEU D 264 -17.97 -7.61 -7.92
C LEU D 264 -18.45 -9.04 -8.24
N VAL D 265 -19.71 -9.35 -7.91
CA VAL D 265 -20.26 -10.68 -8.20
C VAL D 265 -20.82 -10.81 -9.63
N SER D 266 -20.94 -9.66 -10.31
CA SER D 266 -21.60 -9.59 -11.63
C SER D 266 -20.68 -10.03 -12.78
N GLY D 267 -21.27 -10.23 -13.96
CA GLY D 267 -20.49 -10.53 -15.16
C GLY D 267 -19.63 -9.35 -15.61
N SER D 268 -19.85 -8.17 -15.03
CA SER D 268 -19.04 -7.00 -15.37
C SER D 268 -17.70 -6.95 -14.62
N ALA D 269 -17.49 -7.96 -13.77
CA ALA D 269 -16.27 -8.02 -12.97
C ALA D 269 -15.55 -9.36 -13.17
N GLN D 270 -15.75 -10.01 -14.32
CA GLN D 270 -15.22 -11.36 -14.58
C GLN D 270 -13.70 -11.50 -14.59
N TYR D 271 -12.99 -10.39 -14.80
CA TYR D 271 -11.53 -10.44 -14.80
C TYR D 271 -10.97 -9.88 -13.49
N ILE D 272 -11.85 -9.49 -12.58
CA ILE D 272 -11.39 -8.89 -11.34
C ILE D 272 -11.27 -9.93 -10.24
N THR D 273 -10.04 -10.13 -9.75
CA THR D 273 -9.86 -11.00 -8.58
C THR D 273 -8.71 -10.46 -7.75
N GLY D 274 -8.85 -10.59 -6.43
CA GLY D 274 -7.87 -10.06 -5.49
C GLY D 274 -7.93 -8.55 -5.33
N SER D 275 -9.01 -7.92 -5.78
CA SER D 275 -9.18 -6.46 -5.66
C SER D 275 -10.05 -6.09 -4.46
N ILE D 276 -9.67 -5.02 -3.78
CA ILE D 276 -10.46 -4.53 -2.66
C ILE D 276 -10.91 -3.10 -2.99
N ILE D 277 -12.21 -2.95 -3.21
CA ILE D 277 -12.76 -1.66 -3.62
C ILE D 277 -13.16 -0.86 -2.39
N LYS D 278 -12.51 0.28 -2.17
CA LYS D 278 -12.92 1.19 -1.09
C LYS D 278 -14.23 1.84 -1.48
N VAL D 279 -15.18 1.88 -0.54
CA VAL D 279 -16.44 2.61 -0.73
C VAL D 279 -16.53 3.55 0.47
N ASP D 280 -15.72 4.61 0.45
CA ASP D 280 -15.51 5.39 1.67
C ASP D 280 -15.63 6.92 1.52
N GLY D 281 -16.10 7.37 0.36
CA GLY D 281 -16.28 8.83 0.13
C GLY D 281 -15.01 9.65 0.32
N GLY D 282 -13.87 8.98 0.17
CA GLY D 282 -12.58 9.65 0.27
C GLY D 282 -11.99 9.63 1.67
N LEU D 283 -12.67 8.99 2.62
CA LEU D 283 -12.26 9.06 4.04
C LEU D 283 -10.81 8.65 4.30
N SER D 284 -10.39 7.55 3.65
CA SER D 284 -9.06 6.96 3.85
C SER D 284 -7.95 7.89 3.36
N LEU D 285 -8.30 8.89 2.55
CA LEU D 285 -7.28 9.79 2.00
C LEU D 285 -7.02 11.02 2.88
N VAL D 286 -7.83 11.19 3.94
CA VAL D 286 -7.77 12.38 4.78
C VAL D 286 -6.71 12.26 5.87
N HIS D 287 -5.75 13.18 5.87
CA HIS D 287 -4.71 13.19 6.89
C HIS D 287 -5.24 13.73 8.23
N ALA D 288 -4.43 13.54 9.28
CA ALA D 288 -4.74 13.99 10.64
C ALA D 288 -5.09 15.48 10.72
PA NAP E . 13.17 22.58 1.77
O1A NAP E . 13.82 23.45 2.77
O2A NAP E . 11.77 22.92 1.51
O5B NAP E . 13.97 22.58 0.38
C5B NAP E . 15.28 22.07 0.35
C4B NAP E . 16.09 22.81 -0.71
O4B NAP E . 15.53 22.53 -1.98
C3B NAP E . 16.08 24.33 -0.58
O3B NAP E . 17.01 24.80 0.38
C2B NAP E . 16.42 24.75 -2.01
O2B NAP E . 17.76 25.15 -2.16
C1B NAP E . 16.16 23.46 -2.82
N9A NAP E . 15.39 23.83 -4.01
C8A NAP E . 14.12 24.36 -4.08
N7A NAP E . 13.85 24.63 -5.40
C5A NAP E . 14.94 24.29 -6.14
C6A NAP E . 15.23 24.36 -7.52
N6A NAP E . 14.34 24.84 -8.41
N1A NAP E . 16.46 23.90 -7.96
C2A NAP E . 17.40 23.43 -7.07
N3A NAP E . 17.12 23.36 -5.70
C4A NAP E . 15.91 23.79 -5.27
O3 NAP E . 13.29 21.06 2.27
PN NAP E . 13.18 20.44 3.74
O1N NAP E . 14.53 20.55 4.34
O2N NAP E . 11.96 20.97 4.38
O5D NAP E . 12.90 18.90 3.38
C5D NAP E . 13.94 18.09 2.84
C4D NAP E . 13.33 17.01 1.94
O4D NAP E . 12.40 16.26 2.71
C3D NAP E . 12.55 17.58 0.75
O3D NAP E . 12.70 16.71 -0.35
C2D NAP E . 11.11 17.54 1.23
O2D NAP E . 10.15 17.42 0.18
C1D NAP E . 11.13 16.31 2.12
N1N NAP E . 10.07 16.41 3.14
C2N NAP E . 10.19 17.33 4.15
C3N NAP E . 9.19 17.44 5.10
C7N NAP E . 9.32 18.46 6.20
O7N NAP E . 8.42 18.43 7.26
N7N NAP E . 10.29 19.38 6.19
C4N NAP E . 8.07 16.59 5.03
C5N NAP E . 7.96 15.66 3.99
C6N NAP E . 8.98 15.57 3.04
P2B NAP E . 18.25 26.68 -1.96
O1X NAP E . 19.75 26.68 -2.15
O2X NAP E . 17.86 27.06 -0.54
O3X NAP E . 17.54 27.59 -2.95
CAJ AX8 F . 2.25 17.63 8.18
CAO AX8 F . 1.15 17.23 8.93
CLAC AX8 F . 1.24 17.44 10.67
CAN AX8 F . 0.03 16.67 8.31
CLAB AX8 F . -1.35 16.15 9.24
CAG AX8 F . 0.02 16.51 6.92
CAF AX8 F . 1.12 16.92 6.17
CAM AX8 F . 2.25 17.47 6.80
CAK AX8 F . 3.49 17.91 6.01
NAS AX8 F . 3.33 17.56 4.58
CAR AX8 F . 2.74 18.32 3.68
CAI AX8 F . 2.16 19.59 3.75
CAE AX8 F . 1.61 20.14 2.59
CAD AX8 F . 1.64 19.43 1.39
CAH AX8 F . 2.23 18.17 1.32
CAQ AX8 F . 2.78 17.61 2.48
NAL AX8 F . 3.39 16.44 2.72
CAP AX8 F . 3.72 16.42 4.01
NAA AX8 F . 4.34 15.41 4.62
C ACT G . 20.48 25.27 8.94
O ACT G . 20.83 24.23 9.57
OXT ACT G . 19.31 25.31 8.48
CH3 ACT G . 21.41 26.42 8.73
PA NAP H . 11.84 -19.94 11.86
O1A NAP H . 13.11 -20.66 11.85
O2A NAP H . 10.82 -20.43 10.92
O5B NAP H . 11.17 -19.90 13.33
C5B NAP H . 11.87 -19.32 14.40
C4B NAP H . 11.45 -20.02 15.68
O4B NAP H . 10.06 -19.87 15.89
C3B NAP H . 11.68 -21.51 15.69
O3B NAP H . 13.04 -21.80 15.91
C2B NAP H . 10.76 -21.94 16.83
O2B NAP H . 11.45 -22.13 18.05
C1B NAP H . 9.79 -20.76 16.95
N9A NAP H . 8.44 -21.36 16.96
C8A NAP H . 7.82 -22.09 15.98
N7A NAP H . 6.62 -22.52 16.46
C5A NAP H . 6.49 -22.10 17.74
C6A NAP H . 5.49 -22.24 18.72
N6A NAP H . 4.36 -22.94 18.51
N1A NAP H . 5.67 -21.66 19.95
C2A NAP H . 6.81 -20.94 20.25
N3A NAP H . 7.79 -20.79 19.29
C4A NAP H . 7.64 -21.37 18.07
O3 NAP H . 12.11 -18.37 11.56
PN NAP H . 13.25 -17.68 10.64
O1N NAP H . 14.47 -17.56 11.45
O2N NAP H . 13.29 -18.39 9.34
O5D NAP H . 12.57 -16.23 10.45
C5D NAP H . 12.49 -15.28 11.51
C4D NAP H . 11.21 -14.47 11.40
O4D NAP H . 11.19 -13.83 10.12
C3D NAP H . 9.95 -15.31 11.48
O3D NAP H . 8.95 -14.56 12.14
C2D NAP H . 9.58 -15.53 10.02
O2D NAP H . 8.20 -15.75 9.80
C1D NAP H . 10.03 -14.20 9.41
N1N NAP H . 10.36 -14.37 7.99
C2N NAP H . 11.44 -15.12 7.64
C3N NAP H . 11.77 -15.28 6.31
C7N NAP H . 12.96 -16.11 5.92
O7N NAP H . 13.38 -16.02 4.59
N7N NAP H . 13.60 -16.87 6.81
C4N NAP H . 11.01 -14.64 5.32
C5N NAP H . 9.92 -13.85 5.69
C6N NAP H . 9.60 -13.72 7.03
P2B NAP H . 12.11 -23.53 18.50
O1X NAP H . 12.74 -23.30 19.85
O2X NAP H . 13.16 -23.88 17.48
O3X NAP H . 11.06 -24.62 18.54
CAJ AX8 I . 10.98 -16.27 -1.29
CAO AX8 I . 10.95 -15.96 -2.65
CLAC AX8 I . 12.44 -15.97 -3.51
CAN AX8 I . 9.75 -15.62 -3.26
CLAB AX8 I . 9.70 -15.23 -4.95
CAG AX8 I . 8.56 -15.60 -2.54
CAF AX8 I . 8.59 -15.92 -1.18
CAM AX8 I . 9.80 -16.24 -0.55
CAK AX8 I . 9.87 -16.58 0.94
NAS AX8 I . 8.55 -16.41 1.55
CAR AX8 I . 7.59 -17.34 1.59
CAI AX8 I . 7.54 -18.67 1.15
CAE AX8 I . 6.37 -19.41 1.37
CAD AX8 I . 5.28 -18.81 2.01
CAH AX8 I . 5.33 -17.48 2.46
CAQ AX8 I . 6.50 -16.74 2.25
NAL AX8 I . 6.84 -15.49 2.56
CAP AX8 I . 8.09 -15.29 2.12
NAA AX8 I . 8.78 -14.14 2.24
PA NAP J . -2.21 2.62 -25.88
O1A NAP J . -2.71 1.92 -27.06
O2A NAP J . -0.77 2.35 -25.59
O5B NAP J . -2.40 4.22 -26.01
C5B NAP J . -3.70 4.72 -26.16
C4B NAP J . -3.68 6.00 -26.97
O4B NAP J . -2.90 6.98 -26.30
C3B NAP J . -3.04 5.89 -28.34
O3B NAP J . -3.90 5.30 -29.28
C2B NAP J . -2.69 7.35 -28.64
O2B NAP J . -3.63 7.99 -29.49
C1B NAP J . -2.70 8.00 -27.24
N9A NAP J . -1.40 8.69 -27.14
C8A NAP J . -0.13 8.18 -27.12
N7A NAP J . 0.74 9.23 -27.11
C5A NAP J . 0.03 10.39 -27.14
C6A NAP J . 0.37 11.74 -27.17
N6A NAP J . 1.64 12.14 -27.15
N1A NAP J . -0.64 12.68 -27.21
C2A NAP J . -1.97 12.32 -27.24
N3A NAP J . -2.31 10.99 -27.20
C4A NAP J . -1.32 10.05 -27.18
O3 NAP J . -3.14 2.28 -24.61
PN NAP J . -3.90 0.93 -24.21
O1N NAP J . -5.20 0.93 -24.93
O2N NAP J . -2.98 -0.22 -24.32
O5D NAP J . -4.13 1.20 -22.64
C5D NAP J . -5.08 2.14 -22.18
C4D NAP J . -4.64 2.76 -20.86
O4D NAP J . -4.48 1.73 -19.89
C3D NAP J . -3.32 3.51 -20.94
O3D NAP J . -3.36 4.64 -20.10
C2D NAP J . -2.32 2.49 -20.43
O2D NAP J . -1.18 3.08 -19.84
C1D NAP J . -3.15 1.76 -19.39
N1N NAP J . -2.67 0.38 -19.25
C2N NAP J . -2.80 -0.53 -20.27
C3N NAP J . -2.31 -1.82 -20.09
C7N NAP J . -2.44 -2.85 -21.19
O7N NAP J . -2.13 -4.17 -20.89
N7N NAP J . -2.85 -2.49 -22.41
C4N NAP J . -1.71 -2.16 -18.86
C5N NAP J . -1.60 -1.22 -17.85
C6N NAP J . -2.10 0.05 -18.05
P2B NAP J . -3.50 8.00 -31.10
O1X NAP J . -3.56 6.54 -31.56
O2X NAP J . -2.20 8.62 -31.51
O3X NAP J . -4.70 8.78 -31.61
CAJ AX8 K . 2.40 -7.48 -17.91
CAO AX8 K . 2.87 -8.59 -17.20
CLAC AX8 K . 2.26 -10.16 -17.62
CAN AX8 K . 3.79 -8.44 -16.17
CLAB AX8 K . 4.38 -9.82 -15.28
CAG AX8 K . 4.26 -7.18 -15.84
CAF AX8 K . 3.79 -6.06 -16.55
CAM AX8 K . 2.85 -6.21 -17.58
CAK AX8 K . 2.33 -5.01 -18.39
NAS AX8 K . 2.83 -3.75 -17.82
CAR AX8 K . 3.98 -3.17 -18.14
CAI AX8 K . 5.01 -3.49 -19.06
CAE AX8 K . 6.12 -2.64 -19.16
CAD AX8 K . 6.19 -1.50 -18.35
CAH AX8 K . 5.18 -1.19 -17.46
CAQ AX8 K . 4.06 -2.02 -17.35
NAL AX8 K . 2.97 -1.96 -16.58
CAP AX8 K . 2.23 -3.03 -16.88
NAA AX8 K . 1.04 -3.33 -16.33
PA NAP L . -22.09 -5.10 12.12
O1A NAP L . -23.46 -4.62 12.33
O2A NAP L . -21.07 -4.57 13.07
O5B NAP L . -22.02 -6.72 12.16
C5B NAP L . -22.76 -7.47 11.21
C4B NAP L . -23.25 -8.74 11.89
O4B NAP L . -22.16 -9.52 12.32
C3B NAP L . -24.07 -8.53 13.15
O3B NAP L . -25.39 -8.10 12.86
C2B NAP L . -23.98 -9.89 13.82
O2B NAP L . -25.12 -10.71 13.58
C1B NAP L . -22.74 -10.52 13.14
N9A NAP L . -21.88 -11.03 14.21
C8A NAP L . -21.28 -10.37 15.25
N7A NAP L . -20.66 -11.29 16.03
C5A NAP L . -20.89 -12.52 15.53
C6A NAP L . -20.53 -13.81 15.93
N6A NAP L . -19.80 -14.01 17.02
N1A NAP L . -20.95 -14.88 15.16
C2A NAP L . -21.71 -14.71 14.03
N3A NAP L . -22.06 -13.44 13.63
C4A NAP L . -21.67 -12.37 14.38
O3 NAP L . -21.66 -4.80 10.62
PN NAP L . -21.99 -3.58 9.62
O1N NAP L . -23.30 -3.86 8.98
O2N NAP L . -21.81 -2.28 10.31
O5D NAP L . -20.80 -3.73 8.56
C5D NAP L . -20.74 -4.82 7.65
C4D NAP L . -19.30 -5.28 7.49
O4D NAP L . -18.49 -4.20 7.05
C3D NAP L . -18.67 -5.80 8.78
O3D NAP L . -17.79 -6.84 8.44
C2D NAP L . -17.85 -4.61 9.25
O2D NAP L . -16.73 -4.97 10.05
C1D NAP L . -17.42 -3.98 7.95
N1N NAP L . -17.21 -2.52 8.11
C2N NAP L . -18.26 -1.70 8.38
C3N NAP L . -18.07 -0.33 8.51
C7N NAP L . -19.25 0.55 8.82
O7N NAP L . -19.06 1.93 8.83
N7N NAP L . -20.46 0.03 9.05
C4N NAP L . -16.79 0.21 8.35
C5N NAP L . -15.71 -0.65 8.06
C6N NAP L . -15.95 -2.01 7.95
P2B NAP L . -26.41 -10.82 14.54
O1X NAP L . -27.35 -11.85 13.94
O2X NAP L . -27.04 -9.45 14.60
O3X NAP L . -25.97 -11.27 15.92
CAJ AX8 M . -14.87 6.43 10.81
CAO AX8 M . -14.18 7.63 10.74
CLAC AX8 M . -15.09 9.06 10.36
CAN AX8 M . -12.80 7.70 10.98
CLAB AX8 M . -11.94 9.20 10.89
CAG AX8 M . -12.11 6.53 11.27
CAF AX8 M . -12.80 5.32 11.36
CAM AX8 M . -14.17 5.26 11.12
CAK AX8 M . -14.96 3.93 11.19
NAS AX8 M . -14.05 2.81 11.44
CAR AX8 M . -13.66 2.41 12.65
CAI AX8 M . -13.97 2.84 13.94
CAE AX8 M . -13.37 2.17 15.02
CAD AX8 M . -12.50 1.11 14.83
CAH AX8 M . -12.20 0.68 13.53
CAQ AX8 M . -12.78 1.35 12.45
NAL AX8 M . -12.68 1.16 11.12
CAP AX8 M . -13.45 2.05 10.52
NAA AX8 M . -13.61 2.17 9.18
CAJ AX8 N . -19.27 0.40 12.25
CAO AX8 N . -17.94 0.55 11.88
CLAC AX8 N . -17.40 2.09 11.33
CAN AX8 N . -17.06 -0.54 11.94
CLAB AX8 N . -15.40 -0.38 11.50
CAG AX8 N . -17.53 -1.78 12.37
CAF AX8 N . -18.87 -1.92 12.74
CAM AX8 N . -19.74 -0.84 12.66
CAK AX8 N . -21.18 -1.03 13.09
NAS AX8 N . -21.20 -0.83 14.57
CAR AX8 N . -21.20 0.36 15.19
CAI AX8 N . -21.19 1.68 14.76
CAE AX8 N . -21.19 2.72 15.69
CAD AX8 N . -21.20 2.44 17.06
CAH AX8 N . -21.20 1.10 17.49
CAQ AX8 N . -21.21 0.07 16.56
NAL AX8 N . -21.21 -1.26 16.70
CAP AX8 N . -21.21 -1.79 15.47
NAA AX8 N . -21.20 -3.10 15.24
#